data_8EYM
#
_entry.id   8EYM
#
_cell.length_a   73.181
_cell.length_b   80.237
_cell.length_c   91.508
_cell.angle_alpha   90.00
_cell.angle_beta   90.00
_cell.angle_gamma   90.00
#
_symmetry.space_group_name_H-M   'P 21 21 21'
#
loop_
_entity.id
_entity.type
_entity.pdbx_description
1 polymer 'GLUCOSAMINE-6-PHOSPHATE DEAMINASE'
2 non-polymer 2-acetamido-2-deoxy-6-O-phosphono-alpha-D-glucopyranose
3 non-polymer '2-DEOXY-2-AMINO GLUCITOL-6-PHOSPHATE'
4 water water
#
_entity_poly.entity_id   1
_entity_poly.type   'polypeptide(L)'
_entity_poly.pdbx_seq_one_letter_code
;MTTNTIMEQEARTAPQKIAEQLLANDAITESLGSVLREFKPKFVMIVGRGSSDHAGVFAKYLFEIEASIPTFAAAPSVAS
VYGKTLKLAGGLVIVISQSGRSPDILAQARMAKNAGAFCVALVNDETAPIKDIVDVVIPLRAGEEKAVAATKSYLATLSA
LLQVAAKWTQNESLVEAVNSLPQALQAAVDAEPQLRAGSLTDVKNLVVLGRGFGYAVSKEIALKLKEVCAIHAEAFSSAE
FLHGPVTLVEKKLSILDVCIRDESYGSHVEQIANVKQRGANLIHLHQTSADIHPRIAPLALLQRFYIDVAAVAIALGINP
DKPAGLKKVTQTL
;
_entity_poly.pdbx_strand_id   A,B
#
loop_
_chem_comp.id
_chem_comp.type
_chem_comp.name
_chem_comp.formula
16G D-saccharide, alpha linking 2-acetamido-2-deoxy-6-O-phosphono-alpha-D-glucopyranose 'C8 H16 N O9 P'
AGP non-polymer '2-DEOXY-2-AMINO GLUCITOL-6-PHOSPHATE' 'C6 H16 N O8 P'
#
# COMPACT_ATOMS: atom_id res chain seq x y z
N THR A 3 18.86 21.75 17.35
CA THR A 3 19.66 20.99 16.40
C THR A 3 20.07 21.97 15.32
N ASN A 4 21.16 21.68 14.63
CA ASN A 4 21.70 22.61 13.64
C ASN A 4 21.86 21.93 12.29
N THR A 5 20.97 21.00 11.99
CA THR A 5 21.02 20.26 10.74
C THR A 5 20.25 20.99 9.65
N ILE A 6 20.60 20.65 8.41
CA ILE A 6 19.86 21.17 7.26
C ILE A 6 18.40 20.75 7.34
N MET A 7 18.16 19.50 7.77
CA MET A 7 16.80 18.98 7.85
C MET A 7 15.92 19.88 8.73
N GLU A 8 16.37 20.14 9.96
CA GLU A 8 15.59 20.98 10.87
C GLU A 8 15.43 22.38 10.31
N GLN A 9 16.52 22.97 9.81
CA GLN A 9 16.44 24.32 9.27
C GLN A 9 15.43 24.37 8.13
N GLU A 10 15.48 23.40 7.22
CA GLU A 10 14.50 23.38 6.14
C GLU A 10 13.09 23.12 6.66
N ALA A 11 12.96 22.25 7.66
CA ALA A 11 11.63 21.99 8.21
C ALA A 11 11.04 23.25 8.82
N ARG A 12 11.86 24.05 9.50
CA ARG A 12 11.36 25.26 10.15
C ARG A 12 10.95 26.33 9.16
N THR A 13 11.47 26.30 7.92
CA THR A 13 11.03 27.26 6.90
C THR A 13 9.72 26.87 6.25
N ALA A 14 9.17 25.70 6.54
CA ALA A 14 7.96 25.25 5.86
C ALA A 14 6.76 26.17 6.03
N PRO A 15 6.48 26.74 7.23
CA PRO A 15 5.31 27.62 7.34
C PRO A 15 5.43 28.84 6.45
N GLN A 16 6.61 29.43 6.40
CA GLN A 16 6.73 30.61 5.57
C GLN A 16 6.84 30.23 4.09
N LYS A 17 7.44 29.10 3.74
CA LYS A 17 7.47 28.65 2.35
C LYS A 17 6.06 28.38 1.85
N ILE A 18 5.19 27.84 2.70
CA ILE A 18 3.81 27.55 2.30
C ILE A 18 2.96 28.81 2.20
N ALA A 19 3.13 29.75 3.12
CA ALA A 19 2.43 31.04 3.03
C ALA A 19 2.65 31.68 1.66
N GLU A 20 3.90 31.76 1.22
CA GLU A 20 4.18 32.29 -0.11
C GLU A 20 3.56 31.42 -1.20
N GLN A 21 3.52 30.09 -1.00
CA GLN A 21 2.98 29.19 -2.03
C GLN A 21 1.48 29.40 -2.19
N LEU A 22 0.75 29.50 -1.09
CA LEU A 22 -0.71 29.62 -1.20
C LEU A 22 -1.10 30.92 -1.89
N LEU A 23 -0.36 32.01 -1.61
CA LEU A 23 -0.60 33.29 -2.28
C LEU A 23 -0.22 33.21 -3.76
N ALA A 24 0.98 32.69 -4.05
CA ALA A 24 1.48 32.64 -5.43
C ALA A 24 0.67 31.69 -6.30
N ASN A 25 0.08 30.65 -5.72
CA ASN A 25 -0.63 29.65 -6.50
C ASN A 25 -2.13 29.88 -6.50
N ASP A 26 -2.62 30.94 -5.86
CA ASP A 26 -4.05 31.11 -5.74
C ASP A 26 -4.73 31.13 -7.09
N ALA A 27 -4.15 31.86 -8.06
CA ALA A 27 -4.76 31.97 -9.37
C ALA A 27 -4.70 30.66 -10.13
N ILE A 28 -3.54 29.99 -10.11
CA ILE A 28 -3.27 28.73 -10.80
C ILE A 28 -4.28 27.66 -10.39
N THR A 29 -4.43 27.51 -9.07
CA THR A 29 -5.32 26.49 -8.55
C THR A 29 -6.79 26.91 -8.65
N GLU A 30 -7.05 28.22 -8.65
CA GLU A 30 -8.40 28.69 -8.94
C GLU A 30 -8.81 28.31 -10.35
N SER A 31 -7.93 28.53 -11.31
CA SER A 31 -8.20 28.12 -12.68
C SER A 31 -8.33 26.60 -12.78
N LEU A 32 -7.45 25.86 -12.12
CA LEU A 32 -7.48 24.39 -12.24
C LEU A 32 -8.77 23.82 -11.69
N GLY A 33 -9.25 24.35 -10.56
CA GLY A 33 -10.48 23.85 -9.97
C GLY A 33 -11.68 23.94 -10.89
N SER A 34 -11.75 25.01 -11.69
CA SER A 34 -12.84 25.14 -12.65
C SER A 34 -12.69 24.15 -13.80
N VAL A 35 -11.45 23.93 -14.27
CA VAL A 35 -11.20 22.91 -15.28
C VAL A 35 -11.66 21.55 -14.79
N LEU A 36 -11.33 21.21 -13.54
CA LEU A 36 -11.73 19.93 -12.98
C LEU A 36 -13.22 19.86 -12.76
N ARG A 37 -13.86 20.98 -12.41
CA ARG A 37 -15.31 20.99 -12.25
C ARG A 37 -16.00 20.76 -13.59
N GLU A 38 -15.38 21.18 -14.69
CA GLU A 38 -15.91 20.88 -16.02
C GLU A 38 -15.52 19.48 -16.47
N PHE A 39 -14.24 19.12 -16.30
CA PHE A 39 -13.74 17.82 -16.75
C PHE A 39 -14.44 16.66 -16.04
N LYS A 40 -14.73 16.82 -14.74
CA LYS A 40 -15.35 15.80 -13.90
C LYS A 40 -14.60 14.47 -13.99
N PRO A 41 -13.39 14.39 -13.43
CA PRO A 41 -12.56 13.18 -13.60
C PRO A 41 -13.23 11.95 -13.01
N LYS A 42 -13.09 10.82 -13.71
CA LYS A 42 -13.65 9.58 -13.21
C LYS A 42 -12.82 9.00 -12.07
N PHE A 43 -11.54 9.36 -11.99
CA PHE A 43 -10.64 8.86 -10.98
C PHE A 43 -9.40 9.75 -11.01
N VAL A 44 -8.60 9.65 -9.95
CA VAL A 44 -7.31 10.34 -9.85
C VAL A 44 -6.23 9.28 -9.62
N MET A 45 -5.24 9.25 -10.51
CA MET A 45 -4.07 8.39 -10.37
C MET A 45 -2.87 9.25 -10.01
N ILE A 46 -2.09 8.82 -9.01
CA ILE A 46 -0.94 9.58 -8.52
C ILE A 46 0.32 8.87 -9.01
N VAL A 47 1.25 9.65 -9.57
CA VAL A 47 2.55 9.15 -9.98
C VAL A 47 3.61 9.80 -9.11
N GLY A 48 4.42 8.98 -8.44
CA GLY A 48 5.53 9.50 -7.66
C GLY A 48 6.20 8.37 -6.91
N ARG A 49 7.37 8.68 -6.36
CA ARG A 49 8.17 7.77 -5.56
C ARG A 49 8.45 8.38 -4.19
N GLY A 50 8.79 7.50 -3.23
CA GLY A 50 9.23 7.94 -1.90
C GLY A 50 8.25 8.88 -1.22
N SER A 51 8.75 10.03 -0.75
CA SER A 51 7.88 10.98 -0.05
C SER A 51 6.74 11.46 -0.94
N SER A 52 6.97 11.53 -2.26
CA SER A 52 5.91 11.92 -3.18
C SER A 52 4.82 10.87 -3.28
N ASP A 53 5.20 9.58 -3.24
CA ASP A 53 4.22 8.51 -3.22
C ASP A 53 3.37 8.54 -1.95
N HIS A 54 4.00 8.81 -0.81
CA HIS A 54 3.24 8.94 0.42
C HIS A 54 2.31 10.14 0.33
N ALA A 55 2.77 11.23 -0.26
CA ALA A 55 1.88 12.35 -0.50
C ALA A 55 0.65 11.91 -1.28
N GLY A 56 0.82 10.97 -2.22
CA GLY A 56 -0.31 10.47 -2.96
C GLY A 56 -1.31 9.73 -2.09
N VAL A 57 -0.84 9.06 -1.04
CA VAL A 57 -1.77 8.42 -0.12
C VAL A 57 -2.59 9.48 0.61
N PHE A 58 -1.97 10.62 0.92
CA PHE A 58 -2.74 11.73 1.48
C PHE A 58 -3.77 12.22 0.48
N ALA A 59 -3.40 12.33 -0.80
CA ALA A 59 -4.34 12.75 -1.82
C ALA A 59 -5.51 11.77 -1.94
N LYS A 60 -5.23 10.47 -1.80
CA LYS A 60 -6.30 9.47 -1.82
C LYS A 60 -7.37 9.81 -0.78
N TYR A 61 -6.95 9.94 0.48
CA TYR A 61 -7.91 10.29 1.51
C TYR A 61 -8.56 11.65 1.26
N LEU A 62 -7.75 12.62 0.78
CA LEU A 62 -8.26 13.97 0.51
C LEU A 62 -9.34 13.96 -0.58
N PHE A 63 -9.01 13.47 -1.78
CA PHE A 63 -9.95 13.53 -2.90
C PHE A 63 -11.14 12.57 -2.75
N GLU A 64 -10.95 11.42 -2.09
CA GLU A 64 -12.08 10.52 -1.87
C GLU A 64 -13.03 11.09 -0.82
N ILE A 65 -12.48 11.62 0.27
CA ILE A 65 -13.33 12.20 1.31
C ILE A 65 -13.93 13.52 0.86
N GLU A 66 -13.13 14.40 0.23
CA GLU A 66 -13.60 15.75 -0.03
C GLU A 66 -14.27 15.91 -1.39
N ALA A 67 -13.90 15.10 -2.39
CA ALA A 67 -14.43 15.24 -3.72
C ALA A 67 -15.13 14.00 -4.24
N SER A 68 -15.19 12.91 -3.47
CA SER A 68 -15.86 11.65 -3.85
C SER A 68 -15.27 11.00 -5.09
N ILE A 69 -14.01 11.29 -5.43
CA ILE A 69 -13.40 10.75 -6.64
C ILE A 69 -12.44 9.63 -6.22
N PRO A 70 -12.64 8.40 -6.72
CA PRO A 70 -11.69 7.31 -6.43
C PRO A 70 -10.27 7.68 -6.84
N THR A 71 -9.31 7.43 -5.94
CA THR A 71 -7.95 7.93 -6.08
C THR A 71 -6.95 6.86 -5.69
N PHE A 72 -5.85 6.76 -6.44
CA PHE A 72 -4.93 5.65 -6.20
C PHE A 72 -3.58 5.95 -6.81
N ALA A 73 -2.62 5.05 -6.51
CA ALA A 73 -1.23 5.18 -6.92
C ALA A 73 -0.93 4.32 -8.14
N ALA A 74 -0.12 4.86 -9.04
CA ALA A 74 0.35 4.11 -10.20
C ALA A 74 1.38 3.06 -9.77
N ALA A 75 1.45 1.98 -10.55
CA ALA A 75 2.54 1.00 -10.44
C ALA A 75 3.49 1.18 -11.61
N PRO A 76 4.56 1.96 -11.48
CA PRO A 76 5.38 2.31 -12.67
C PRO A 76 5.88 1.13 -13.47
N SER A 77 6.10 -0.02 -12.82
CA SER A 77 6.59 -1.20 -13.53
C SER A 77 5.61 -1.69 -14.60
N VAL A 78 4.30 -1.45 -14.41
CA VAL A 78 3.32 -1.85 -15.42
C VAL A 78 3.75 -1.36 -16.80
N ALA A 79 4.23 -0.11 -16.87
CA ALA A 79 4.74 0.49 -18.10
C ALA A 79 6.22 0.19 -18.33
N SER A 80 7.08 0.48 -17.34
CA SER A 80 8.52 0.49 -17.58
C SER A 80 9.11 -0.91 -17.63
N VAL A 81 8.45 -1.88 -17.05
CA VAL A 81 8.91 -3.25 -17.05
C VAL A 81 8.08 -4.12 -17.98
N TYR A 82 6.76 -4.07 -17.83
CA TYR A 82 5.87 -4.92 -18.59
C TYR A 82 5.39 -4.29 -19.89
N GLY A 83 5.64 -3.00 -20.08
CA GLY A 83 5.42 -2.35 -21.35
C GLY A 83 3.96 -2.14 -21.72
N LYS A 84 3.09 -1.97 -20.73
CA LYS A 84 1.68 -1.83 -21.01
C LYS A 84 1.22 -0.39 -20.80
N THR A 85 0.20 -0.03 -21.54
CA THR A 85 -0.52 1.22 -21.39
C THR A 85 -1.80 0.93 -20.62
N LEU A 86 -2.30 1.93 -19.92
CA LEU A 86 -3.59 1.82 -19.26
C LEU A 86 -4.58 2.69 -20.01
N LYS A 87 -5.86 2.32 -19.96
CA LYS A 87 -6.93 3.19 -20.41
C LYS A 87 -7.18 4.23 -19.31
N LEU A 88 -6.69 5.44 -19.52
CA LEU A 88 -6.81 6.54 -18.56
C LEU A 88 -7.69 7.68 -19.05
N ALA A 89 -8.32 7.54 -20.21
CA ALA A 89 -9.23 8.55 -20.73
C ALA A 89 -10.30 8.88 -19.69
N GLY A 90 -10.54 10.19 -19.50
CA GLY A 90 -11.52 10.67 -18.54
C GLY A 90 -11.03 10.72 -17.12
N GLY A 91 -9.76 10.39 -16.88
CA GLY A 91 -9.16 10.45 -15.56
C GLY A 91 -8.11 11.53 -15.38
N LEU A 92 -7.87 11.89 -14.13
CA LEU A 92 -6.84 12.85 -13.79
C LEU A 92 -5.60 12.10 -13.35
N VAL A 93 -4.42 12.51 -13.86
CA VAL A 93 -3.14 11.99 -13.40
C VAL A 93 -2.38 13.15 -12.76
N ILE A 94 -1.89 12.93 -11.55
CA ILE A 94 -1.08 13.93 -10.84
C ILE A 94 0.31 13.34 -10.67
N VAL A 95 1.28 13.96 -11.30
CA VAL A 95 2.68 13.60 -11.14
C VAL A 95 3.25 14.42 -9.99
N ILE A 96 3.71 13.73 -8.95
CA ILE A 96 4.32 14.39 -7.80
C ILE A 96 5.81 14.07 -7.83
N SER A 97 6.64 15.12 -7.88
CA SER A 97 8.08 14.97 -7.90
C SER A 97 8.72 16.27 -7.47
N GLN A 98 9.50 16.21 -6.39
CA GLN A 98 10.25 17.36 -5.93
C GLN A 98 11.22 17.82 -7.03
N SER A 99 12.09 16.91 -7.48
CA SER A 99 13.06 17.29 -8.51
C SER A 99 12.38 17.53 -9.85
N GLY A 100 11.47 16.63 -10.24
CA GLY A 100 10.75 16.73 -11.49
C GLY A 100 11.53 16.43 -12.75
N ARG A 101 12.68 15.74 -12.65
CA ARG A 101 13.50 15.45 -13.81
C ARG A 101 13.89 13.99 -13.99
N SER A 102 13.52 13.12 -13.08
CA SER A 102 13.93 11.73 -13.22
C SER A 102 13.27 11.12 -14.46
N PRO A 103 14.00 10.28 -15.21
CA PRO A 103 13.45 9.78 -16.48
C PRO A 103 12.31 8.80 -16.32
N ASP A 104 12.31 7.99 -15.25
CA ASP A 104 11.17 7.15 -14.90
C ASP A 104 9.90 7.97 -14.75
N ILE A 105 10.00 9.11 -14.05
CA ILE A 105 8.86 9.99 -13.86
C ILE A 105 8.40 10.59 -15.19
N LEU A 106 9.34 11.06 -16.02
CA LEU A 106 8.96 11.65 -17.29
C LEU A 106 8.32 10.61 -18.21
N ALA A 107 8.84 9.38 -18.21
CA ALA A 107 8.25 8.32 -19.03
C ALA A 107 6.80 8.05 -18.63
N GLN A 108 6.50 8.04 -17.33
CA GLN A 108 5.07 7.80 -16.96
C GLN A 108 4.20 9.02 -17.28
N ALA A 109 4.73 10.22 -17.21
CA ALA A 109 3.90 11.35 -17.62
C ALA A 109 3.54 11.27 -19.10
N ARG A 110 4.50 10.85 -19.92
CA ARG A 110 4.24 10.76 -21.39
C ARG A 110 3.14 9.73 -21.64
N MET A 111 3.22 8.58 -21.01
CA MET A 111 2.23 7.49 -21.11
C MET A 111 0.84 7.97 -20.69
N ALA A 112 0.78 8.68 -19.58
CA ALA A 112 -0.51 9.18 -19.05
C ALA A 112 -1.14 10.15 -20.05
N LYS A 113 -0.33 11.01 -20.66
CA LYS A 113 -0.84 11.98 -21.62
C LYS A 113 -1.23 11.27 -22.92
N ASN A 114 -0.44 10.27 -23.32
CA ASN A 114 -0.72 9.50 -24.53
C ASN A 114 -1.99 8.65 -24.38
N ALA A 115 -2.40 8.35 -23.16
CA ALA A 115 -3.61 7.56 -22.96
C ALA A 115 -4.85 8.42 -22.80
N GLY A 116 -4.72 9.73 -22.93
CA GLY A 116 -5.85 10.63 -22.81
C GLY A 116 -6.17 11.17 -21.43
N ALA A 117 -5.27 11.06 -20.46
CA ALA A 117 -5.57 11.62 -19.15
C ALA A 117 -5.30 13.12 -19.14
N PHE A 118 -6.06 13.83 -18.32
CA PHE A 118 -5.69 15.19 -17.99
C PHE A 118 -4.57 15.10 -16.94
N CYS A 119 -3.43 15.71 -17.24
CA CYS A 119 -2.22 15.53 -16.43
C CYS A 119 -1.84 16.84 -15.74
N VAL A 120 -1.57 16.75 -14.44
CA VAL A 120 -1.09 17.88 -13.65
C VAL A 120 0.19 17.41 -12.97
N ALA A 121 1.16 18.31 -12.83
CA ALA A 121 2.40 18.00 -12.12
C ALA A 121 2.54 18.94 -10.92
N LEU A 122 2.90 18.37 -9.75
CA LEU A 122 3.32 19.13 -8.57
C LEU A 122 4.82 18.93 -8.47
N VAL A 123 5.58 19.98 -8.79
CA VAL A 123 7.03 19.91 -8.91
C VAL A 123 7.62 21.13 -8.22
N ASN A 124 8.84 20.97 -7.68
CA ASN A 124 9.51 22.10 -7.06
C ASN A 124 10.18 22.97 -8.12
N ASP A 125 10.69 22.37 -9.19
CA ASP A 125 11.29 23.15 -10.31
C ASP A 125 10.31 23.22 -11.49
N GLU A 126 9.68 24.38 -11.68
CA GLU A 126 8.66 24.70 -12.72
C GLU A 126 9.25 24.65 -14.12
N THR A 127 10.55 24.90 -14.21
CA THR A 127 11.30 24.93 -15.49
C THR A 127 11.60 23.51 -16.04
N ALA A 128 11.68 22.49 -15.18
CA ALA A 128 12.06 21.17 -15.67
C ALA A 128 11.22 20.76 -16.89
N PRO A 129 11.74 19.87 -17.74
CA PRO A 129 11.03 19.52 -18.99
C PRO A 129 9.70 18.81 -18.78
N ILE A 130 9.36 18.42 -17.54
CA ILE A 130 8.06 17.82 -17.29
C ILE A 130 6.95 18.79 -17.66
N LYS A 131 7.21 20.10 -17.52
CA LYS A 131 6.22 21.14 -17.86
C LYS A 131 5.77 21.07 -19.31
N ASP A 132 6.56 20.45 -20.19
CA ASP A 132 6.22 20.33 -21.61
C ASP A 132 5.34 19.13 -21.90
N ILE A 133 5.19 18.22 -20.93
CA ILE A 133 4.39 17.02 -21.11
C ILE A 133 3.00 17.19 -20.50
N VAL A 134 2.92 17.73 -19.28
CA VAL A 134 1.65 17.77 -18.55
C VAL A 134 0.83 18.94 -19.06
N ASP A 135 -0.42 19.01 -18.63
CA ASP A 135 -1.34 20.07 -18.99
C ASP A 135 -1.22 21.29 -18.09
N VAL A 136 -1.00 21.06 -16.79
CA VAL A 136 -0.92 22.16 -15.84
C VAL A 136 0.18 21.81 -14.84
N VAL A 137 0.99 22.82 -14.53
CA VAL A 137 2.00 22.70 -13.49
C VAL A 137 1.55 23.54 -12.30
N ILE A 138 1.55 22.94 -11.11
CA ILE A 138 1.36 23.64 -9.85
C ILE A 138 2.72 23.66 -9.16
N PRO A 139 3.42 24.80 -9.13
CA PRO A 139 4.76 24.81 -8.54
C PRO A 139 4.70 24.76 -7.01
N LEU A 140 5.53 23.88 -6.44
CA LEU A 140 5.55 23.71 -4.99
C LEU A 140 6.14 24.92 -4.27
N ARG A 141 7.05 25.64 -4.93
CA ARG A 141 7.61 26.87 -4.38
C ARG A 141 8.20 26.64 -2.99
N ALA A 142 8.85 25.49 -2.83
CA ALA A 142 9.48 25.17 -1.56
C ALA A 142 10.93 25.60 -1.51
N GLY A 143 11.54 25.90 -2.65
CA GLY A 143 12.94 26.23 -2.68
C GLY A 143 13.78 24.98 -2.73
N GLU A 144 15.09 25.19 -2.83
CA GLU A 144 16.01 24.06 -2.92
C GLU A 144 15.95 23.25 -1.64
N GLU A 145 15.93 21.93 -1.80
CA GLU A 145 15.99 21.01 -0.66
C GLU A 145 17.38 20.40 -0.66
N LYS A 146 18.19 20.78 0.32
CA LYS A 146 19.57 20.30 0.42
C LYS A 146 19.71 19.12 1.37
N ALA A 147 18.78 18.95 2.30
CA ALA A 147 18.77 17.78 3.16
C ALA A 147 18.43 16.54 2.33
N VAL A 148 18.98 15.41 2.75
CA VAL A 148 18.63 14.13 2.16
C VAL A 148 17.15 13.83 2.38
N ALA A 149 16.67 14.03 3.61
CA ALA A 149 15.27 13.82 3.97
C ALA A 149 14.41 15.00 3.50
N ALA A 150 13.38 14.71 2.70
CA ALA A 150 12.41 15.74 2.37
C ALA A 150 11.63 16.13 3.63
N THR A 151 11.42 17.44 3.82
CA THR A 151 10.57 17.92 4.88
C THR A 151 9.63 18.98 4.32
N LYS A 152 10.17 20.17 4.03
CA LYS A 152 9.35 21.26 3.52
C LYS A 152 8.71 20.91 2.18
N SER A 153 9.44 20.17 1.32
CA SER A 153 8.88 19.83 0.01
C SER A 153 7.69 18.88 0.13
N TYR A 154 7.68 18.04 1.17
CA TYR A 154 6.53 17.19 1.39
C TYR A 154 5.32 18.00 1.88
N LEU A 155 5.53 18.84 2.90
CA LEU A 155 4.44 19.69 3.40
C LEU A 155 3.93 20.61 2.31
N ALA A 156 4.82 21.13 1.46
CA ALA A 156 4.37 21.96 0.35
C ALA A 156 3.58 21.16 -0.68
N THR A 157 3.88 19.87 -0.83
CA THR A 157 3.04 19.02 -1.69
C THR A 157 1.64 18.90 -1.11
N LEU A 158 1.54 18.64 0.21
CA LEU A 158 0.24 18.53 0.84
C LEU A 158 -0.51 19.85 0.76
N SER A 159 0.18 20.97 0.97
CA SER A 159 -0.50 22.26 0.92
C SER A 159 -1.02 22.54 -0.47
N ALA A 160 -0.27 22.15 -1.52
CA ALA A 160 -0.77 22.31 -2.87
C ALA A 160 -1.97 21.39 -3.14
N LEU A 161 -1.90 20.15 -2.68
CA LEU A 161 -3.04 19.23 -2.84
C LEU A 161 -4.28 19.79 -2.15
N LEU A 162 -4.11 20.29 -0.92
CA LEU A 162 -5.24 20.86 -0.17
C LEU A 162 -5.84 22.06 -0.90
N GLN A 163 -4.98 22.94 -1.44
CA GLN A 163 -5.48 24.10 -2.17
C GLN A 163 -6.21 23.68 -3.43
N VAL A 164 -5.65 22.74 -4.21
CA VAL A 164 -6.35 22.24 -5.39
C VAL A 164 -7.71 21.69 -4.98
N ALA A 165 -7.74 20.92 -3.88
CA ALA A 165 -8.98 20.36 -3.37
C ALA A 165 -9.96 21.45 -2.93
N ALA A 166 -9.48 22.46 -2.22
CA ALA A 166 -10.34 23.57 -1.78
C ALA A 166 -10.91 24.32 -2.98
N LYS A 167 -10.09 24.63 -3.98
CA LYS A 167 -10.60 25.33 -5.15
C LYS A 167 -11.59 24.46 -5.94
N TRP A 168 -11.27 23.18 -6.12
CA TRP A 168 -12.09 22.29 -6.93
C TRP A 168 -13.45 22.04 -6.29
N THR A 169 -13.45 21.58 -5.04
CA THR A 169 -14.72 21.27 -4.39
C THR A 169 -15.47 22.53 -3.99
N GLN A 170 -14.75 23.62 -3.73
CA GLN A 170 -15.30 24.87 -3.23
C GLN A 170 -15.89 24.75 -1.84
N ASN A 171 -15.47 23.74 -1.07
CA ASN A 171 -16.01 23.72 0.27
C ASN A 171 -15.32 24.85 1.03
N GLU A 172 -16.19 25.71 1.57
CA GLU A 172 -15.69 26.91 2.25
C GLU A 172 -14.98 26.58 3.55
N SER A 173 -15.41 25.52 4.26
CA SER A 173 -14.67 25.07 5.43
C SER A 173 -13.24 24.70 5.04
N LEU A 174 -13.09 23.89 4.00
CA LEU A 174 -11.77 23.51 3.54
C LEU A 174 -10.96 24.72 3.07
N VAL A 175 -11.64 25.74 2.51
CA VAL A 175 -10.96 26.96 2.08
C VAL A 175 -10.35 27.70 3.26
N GLU A 176 -11.05 27.73 4.40
CA GLU A 176 -10.51 28.41 5.58
C GLU A 176 -9.35 27.63 6.19
N ALA A 177 -9.41 26.30 6.13
CA ALA A 177 -8.33 25.47 6.65
C ALA A 177 -7.04 25.70 5.88
N VAL A 178 -7.13 25.76 4.56
CA VAL A 178 -5.97 26.06 3.73
C VAL A 178 -5.43 27.43 4.07
N ASN A 179 -6.32 28.41 4.27
CA ASN A 179 -5.88 29.75 4.65
C ASN A 179 -5.23 29.78 6.02
N SER A 180 -5.66 28.90 6.93
CA SER A 180 -5.10 28.83 8.28
C SER A 180 -3.82 28.00 8.36
N LEU A 181 -3.40 27.36 7.26
CA LEU A 181 -2.28 26.43 7.24
C LEU A 181 -0.97 27.04 7.74
N PRO A 182 -0.52 28.15 7.15
CA PRO A 182 0.73 28.76 7.65
C PRO A 182 0.76 29.02 9.13
N GLN A 183 -0.29 29.64 9.69
CA GLN A 183 -0.31 29.92 11.12
C GLN A 183 -0.35 28.63 11.93
N ALA A 184 -1.07 27.62 11.44
CA ALA A 184 -1.15 26.34 12.12
C ALA A 184 0.21 25.66 12.16
N LEU A 185 0.95 25.73 11.05
CA LEU A 185 2.28 25.11 11.00
C LEU A 185 3.26 25.87 11.90
N GLN A 186 3.20 27.19 11.89
CA GLN A 186 4.07 27.96 12.77
C GLN A 186 3.80 27.60 14.22
N ALA A 187 2.51 27.49 14.60
CA ALA A 187 2.17 27.04 15.94
C ALA A 187 2.81 25.69 16.26
N ALA A 188 2.82 24.77 15.27
CA ALA A 188 3.41 23.46 15.49
C ALA A 188 4.91 23.55 15.73
N VAL A 189 5.59 24.44 15.01
CA VAL A 189 7.02 24.65 15.19
C VAL A 189 7.31 25.13 16.60
N ASP A 190 6.48 26.04 17.13
CA ASP A 190 6.70 26.64 18.43
C ASP A 190 6.27 25.75 19.61
N ALA A 191 5.49 24.69 19.35
CA ALA A 191 5.00 23.82 20.40
C ALA A 191 6.12 22.97 21.01
N GLU A 192 5.83 22.36 22.15
CA GLU A 192 6.78 21.50 22.84
C GLU A 192 7.04 20.20 22.07
N PRO A 193 8.26 19.66 22.17
CA PRO A 193 8.55 18.38 21.49
C PRO A 193 7.63 17.26 21.94
N GLN A 194 7.35 16.35 21.00
CA GLN A 194 6.57 15.15 21.27
C GLN A 194 7.46 13.91 21.24
N LEU A 195 8.08 13.63 20.10
CA LEU A 195 9.00 12.50 19.99
C LEU A 195 10.32 12.89 20.63
N ARG A 196 10.74 12.14 21.63
CA ARG A 196 12.01 12.37 22.29
C ARG A 196 12.90 11.13 22.11
N ALA A 197 14.21 11.38 22.01
CA ALA A 197 15.18 10.32 21.70
C ALA A 197 15.19 9.20 22.74
N GLY A 198 14.96 9.52 24.01
CA GLY A 198 14.99 8.51 25.04
C GLY A 198 14.00 7.38 24.80
N SER A 199 12.92 7.66 24.07
CA SER A 199 11.96 6.61 23.74
C SER A 199 12.52 5.60 22.73
N LEU A 200 13.43 6.04 21.85
CA LEU A 200 13.89 5.26 20.72
C LEU A 200 15.28 4.63 20.93
N THR A 201 15.82 4.68 22.15
CA THR A 201 17.10 4.05 22.42
C THR A 201 16.96 2.53 22.43
N ASP A 202 17.88 1.84 21.74
CA ASP A 202 17.89 0.39 21.61
C ASP A 202 16.69 -0.16 20.84
N VAL A 203 16.04 0.67 20.03
CA VAL A 203 14.85 0.31 19.28
C VAL A 203 15.29 0.14 17.83
N LYS A 204 15.37 -1.11 17.38
CA LYS A 204 15.79 -1.47 16.02
C LYS A 204 14.66 -1.46 15.01
N ASN A 205 13.43 -1.75 15.43
CA ASN A 205 12.29 -1.71 14.53
C ASN A 205 11.08 -1.27 15.32
N LEU A 206 10.09 -0.72 14.60
CA LEU A 206 8.86 -0.29 15.26
C LEU A 206 7.73 -0.19 14.24
N VAL A 207 6.53 0.04 14.75
CA VAL A 207 5.32 0.22 13.96
C VAL A 207 4.76 1.61 14.23
N VAL A 208 4.36 2.30 13.16
CA VAL A 208 3.64 3.57 13.25
C VAL A 208 2.18 3.24 12.94
N LEU A 209 1.27 3.56 13.86
CA LEU A 209 -0.14 3.26 13.68
C LEU A 209 -0.91 4.55 13.50
N GLY A 210 -1.79 4.58 12.48
CA GLY A 210 -2.68 5.70 12.26
C GLY A 210 -3.94 5.20 11.59
N ARG A 211 -4.88 6.12 11.35
CA ARG A 211 -6.12 5.78 10.66
C ARG A 211 -6.52 6.98 9.82
N GLY A 212 -7.04 6.73 8.61
CA GLY A 212 -7.47 7.84 7.77
C GLY A 212 -6.30 8.73 7.34
N PHE A 213 -6.49 10.05 7.43
CA PHE A 213 -5.39 10.98 7.13
C PHE A 213 -4.18 10.69 8.01
N GLY A 214 -4.42 10.29 9.26
CA GLY A 214 -3.32 9.95 10.16
C GLY A 214 -2.49 8.78 9.68
N TYR A 215 -3.13 7.84 8.97
CA TYR A 215 -2.37 6.74 8.36
C TYR A 215 -1.50 7.24 7.21
N ALA A 216 -2.05 8.13 6.38
CA ALA A 216 -1.28 8.68 5.26
C ALA A 216 0.00 9.35 5.76
N VAL A 217 -0.11 10.14 6.83
CA VAL A 217 1.07 10.76 7.42
C VAL A 217 1.96 9.74 8.11
N SER A 218 1.40 8.61 8.55
CA SER A 218 2.21 7.54 9.15
C SER A 218 3.23 7.00 8.16
N LYS A 219 2.84 6.84 6.89
CA LYS A 219 3.76 6.31 5.90
C LYS A 219 4.98 7.19 5.77
N GLU A 220 4.77 8.51 5.83
CA GLU A 220 5.87 9.48 5.75
C GLU A 220 6.69 9.49 7.03
N ILE A 221 6.05 9.34 8.19
CA ILE A 221 6.82 9.22 9.42
C ILE A 221 7.67 7.96 9.38
N ALA A 222 7.08 6.86 8.89
CA ALA A 222 7.79 5.57 8.82
C ALA A 222 9.02 5.71 7.90
N LEU A 223 8.85 6.37 6.76
CA LEU A 223 9.98 6.56 5.80
C LEU A 223 11.08 7.40 6.44
N LYS A 224 10.69 8.44 7.16
CA LYS A 224 11.68 9.33 7.80
C LYS A 224 12.44 8.58 8.89
N LEU A 225 11.78 7.71 9.66
CA LEU A 225 12.46 6.92 10.72
C LEU A 225 13.52 6.04 10.07
N LYS A 226 13.20 5.41 8.93
CA LYS A 226 14.18 4.63 8.19
C LYS A 226 15.31 5.52 7.69
N GLU A 227 14.93 6.64 7.06
CA GLU A 227 15.88 7.41 6.27
C GLU A 227 16.91 8.12 7.15
N VAL A 228 16.47 8.71 8.27
CA VAL A 228 17.35 9.52 9.10
C VAL A 228 17.70 8.90 10.44
N CYS A 229 16.98 7.85 10.88
CA CYS A 229 17.31 7.20 12.14
C CYS A 229 17.77 5.76 11.98
N ALA A 230 17.80 5.24 10.74
CA ALA A 230 18.07 3.82 10.47
C ALA A 230 17.21 2.88 11.34
N ILE A 231 16.00 3.30 11.69
CA ILE A 231 15.06 2.43 12.37
C ILE A 231 14.14 1.78 11.33
N HIS A 232 13.98 0.46 11.43
CA HIS A 232 13.04 -0.22 10.56
C HIS A 232 11.63 0.02 11.10
N ALA A 233 11.08 1.17 10.70
CA ALA A 233 9.72 1.59 11.08
C ALA A 233 8.78 1.27 9.94
N GLU A 234 7.62 0.69 10.27
CA GLU A 234 6.61 0.34 9.27
C GLU A 234 5.26 0.92 9.67
N ALA A 235 4.58 1.57 8.71
CA ALA A 235 3.31 2.23 8.95
C ALA A 235 2.15 1.28 8.67
N PHE A 236 1.18 1.25 9.57
CA PHE A 236 -0.02 0.47 9.39
C PHE A 236 -1.25 1.30 9.73
N SER A 237 -2.33 1.03 9.01
CA SER A 237 -3.63 1.43 9.51
C SER A 237 -3.90 0.65 10.79
N SER A 238 -4.53 1.31 11.77
CA SER A 238 -4.83 0.60 13.02
C SER A 238 -5.98 -0.38 12.87
N ALA A 239 -6.77 -0.26 11.80
CA ALA A 239 -7.69 -1.33 11.45
C ALA A 239 -6.93 -2.51 10.84
N GLU A 240 -6.04 -2.24 9.89
CA GLU A 240 -5.31 -3.33 9.23
C GLU A 240 -4.42 -4.07 10.21
N PHE A 241 -3.84 -3.36 11.19
CA PHE A 241 -2.87 -3.96 12.10
C PHE A 241 -3.43 -5.19 12.82
N LEU A 242 -4.73 -5.21 13.06
CA LEU A 242 -5.32 -6.30 13.80
C LEU A 242 -5.37 -7.60 12.99
N HIS A 243 -5.27 -7.53 11.67
CA HIS A 243 -5.43 -8.70 10.80
C HIS A 243 -4.12 -9.45 10.57
N GLY A 244 -3.43 -9.83 11.65
CA GLY A 244 -2.20 -10.56 11.50
C GLY A 244 -0.99 -9.87 12.12
N PRO A 245 -0.70 -8.64 11.71
CA PRO A 245 0.52 -7.96 12.22
C PRO A 245 0.55 -7.78 13.73
N VAL A 246 -0.61 -7.67 14.39
CA VAL A 246 -0.65 -7.41 15.83
C VAL A 246 0.04 -8.49 16.66
N THR A 247 0.26 -9.68 16.10
CA THR A 247 0.99 -10.74 16.80
C THR A 247 2.41 -10.32 17.19
N LEU A 248 3.01 -9.33 16.50
CA LEU A 248 4.32 -8.82 16.87
C LEU A 248 4.32 -8.14 18.23
N VAL A 249 3.14 -7.78 18.76
CA VAL A 249 3.03 -7.19 20.09
C VAL A 249 3.20 -8.22 21.19
N GLU A 250 3.29 -9.51 20.84
CA GLU A 250 3.49 -10.56 21.83
C GLU A 250 4.93 -10.60 22.35
N LYS A 251 5.82 -10.21 21.44
CA LYS A 251 7.25 -9.91 21.72
C LYS A 251 7.34 -8.39 21.96
N LYS A 252 8.45 -7.89 22.50
CA LYS A 252 8.51 -6.42 22.75
C LYS A 252 8.35 -5.68 21.42
N LEU A 253 7.45 -4.70 21.37
CA LEU A 253 7.26 -3.89 20.17
C LEU A 253 6.97 -2.45 20.55
N SER A 254 7.71 -1.52 19.98
CA SER A 254 7.41 -0.11 20.14
C SER A 254 6.43 0.30 19.06
N ILE A 255 5.47 1.14 19.44
CA ILE A 255 4.47 1.63 18.50
C ILE A 255 4.40 3.14 18.62
N LEU A 256 4.53 3.82 17.49
CA LEU A 256 4.32 5.26 17.41
C LEU A 256 2.87 5.49 17.01
N ASP A 257 2.11 6.16 17.88
CA ASP A 257 0.67 6.37 17.70
C ASP A 257 0.45 7.75 17.07
N VAL A 258 -0.09 7.78 15.85
CA VAL A 258 -0.42 9.05 15.18
C VAL A 258 -1.91 9.30 15.42
N CYS A 259 -2.22 10.23 16.34
CA CYS A 259 -3.59 10.50 16.76
C CYS A 259 -4.09 11.77 16.09
N ILE A 260 -5.18 11.64 15.31
CA ILE A 260 -5.81 12.76 14.64
C ILE A 260 -7.22 12.92 15.16
N ARG A 261 -7.57 14.15 15.56
CA ARG A 261 -8.90 14.44 16.07
C ARG A 261 -9.86 14.73 14.92
N ASP A 262 -10.21 13.67 14.20
CA ASP A 262 -11.22 13.78 13.15
C ASP A 262 -12.21 12.64 13.32
N GLU A 263 -12.95 12.33 12.24
CA GLU A 263 -13.91 11.23 12.30
C GLU A 263 -13.22 9.91 12.66
N SER A 264 -11.93 9.76 12.36
CA SER A 264 -11.23 8.51 12.61
C SER A 264 -10.87 8.29 14.07
N TYR A 265 -10.95 9.33 14.91
CA TYR A 265 -10.46 9.25 16.28
C TYR A 265 -11.07 8.06 17.03
N GLY A 266 -12.39 7.94 17.01
CA GLY A 266 -13.05 6.88 17.75
C GLY A 266 -12.52 5.47 17.47
N SER A 267 -12.57 5.06 16.18
CA SER A 267 -12.00 3.79 15.74
C SER A 267 -10.53 3.67 16.16
N HIS A 268 -9.77 4.74 15.96
CA HIS A 268 -8.33 4.63 16.14
C HIS A 268 -7.97 4.42 17.61
N VAL A 269 -8.57 5.18 18.53
CA VAL A 269 -8.22 5.03 19.94
C VAL A 269 -8.62 3.67 20.48
N GLU A 270 -9.71 3.10 19.94
CA GLU A 270 -10.09 1.75 20.34
C GLU A 270 -8.96 0.76 20.07
N GLN A 271 -8.28 0.90 18.92
CA GLN A 271 -7.22 -0.03 18.58
C GLN A 271 -5.92 0.27 19.32
N ILE A 272 -5.66 1.54 19.63
CA ILE A 272 -4.50 1.90 20.43
C ILE A 272 -4.63 1.30 21.83
N ALA A 273 -5.83 1.35 22.41
CA ALA A 273 -6.03 0.73 23.72
C ALA A 273 -5.78 -0.77 23.67
N ASN A 274 -6.16 -1.42 22.56
CA ASN A 274 -5.99 -2.86 22.45
C ASN A 274 -4.52 -3.26 22.41
N VAL A 275 -3.71 -2.63 21.56
CA VAL A 275 -2.31 -3.02 21.49
C VAL A 275 -1.57 -2.59 22.75
N LYS A 276 -2.09 -1.58 23.44
CA LYS A 276 -1.55 -1.15 24.73
C LYS A 276 -1.78 -2.20 25.80
N GLN A 277 -3.02 -2.70 25.95
CA GLN A 277 -3.29 -3.81 26.85
C GLN A 277 -2.47 -5.05 26.50
N ARG A 278 -2.15 -5.24 25.21
CA ARG A 278 -1.38 -6.41 24.79
C ARG A 278 0.10 -6.28 25.10
N GLY A 279 0.57 -5.08 25.46
CA GLY A 279 1.90 -4.89 26.00
C GLY A 279 2.85 -4.06 25.17
N ALA A 280 2.34 -3.30 24.20
CA ALA A 280 3.21 -2.50 23.35
C ALA A 280 3.61 -1.20 24.04
N ASN A 281 4.83 -0.75 23.76
CA ASN A 281 5.37 0.48 24.32
C ASN A 281 4.93 1.63 23.42
N LEU A 282 3.90 2.37 23.85
CA LEU A 282 3.33 3.42 23.03
C LEU A 282 4.06 4.75 23.19
N ILE A 283 4.20 5.46 22.08
CA ILE A 283 4.69 6.83 22.03
C ILE A 283 3.64 7.60 21.25
N HIS A 284 3.12 8.67 21.84
CA HIS A 284 1.92 9.32 21.33
C HIS A 284 2.28 10.62 20.63
N LEU A 285 1.89 10.74 19.35
CA LEU A 285 1.98 11.98 18.61
C LEU A 285 0.57 12.53 18.42
N HIS A 286 0.43 13.85 18.47
CA HIS A 286 -0.90 14.46 18.46
C HIS A 286 -0.80 15.87 17.90
N GLN A 287 -1.94 16.55 17.76
CA GLN A 287 -1.89 17.89 17.20
C GLN A 287 -1.27 18.86 18.21
N THR A 288 -0.81 20.01 17.70
CA THR A 288 0.00 20.92 18.50
C THR A 288 -0.77 22.05 19.15
N SER A 289 -2.01 22.31 18.73
CA SER A 289 -2.80 23.41 19.29
C SER A 289 -4.28 23.04 19.22
N ALA A 290 -5.08 23.69 20.06
CA ALA A 290 -6.47 23.28 20.24
C ALA A 290 -7.36 23.65 19.05
N ASP A 291 -7.12 24.81 18.42
CA ASP A 291 -8.00 25.39 17.41
C ASP A 291 -7.73 24.92 15.98
N ILE A 292 -7.06 23.82 15.78
CA ILE A 292 -6.57 23.48 14.45
C ILE A 292 -7.64 22.64 13.76
N HIS A 293 -7.91 22.98 12.51
CA HIS A 293 -8.90 22.27 11.71
C HIS A 293 -8.51 20.80 11.52
N PRO A 294 -9.48 19.88 11.60
CA PRO A 294 -9.14 18.45 11.50
C PRO A 294 -8.40 18.05 10.23
N ARG A 295 -8.73 18.62 9.07
CA ARG A 295 -8.04 18.27 7.85
C ARG A 295 -6.61 18.82 7.78
N ILE A 296 -6.30 19.82 8.61
CA ILE A 296 -4.97 20.43 8.68
C ILE A 296 -4.15 19.83 9.81
N ALA A 297 -4.79 19.26 10.83
CA ALA A 297 -4.09 18.63 11.93
C ALA A 297 -2.99 17.64 11.54
N PRO A 298 -3.17 16.79 10.50
CA PRO A 298 -2.05 15.91 10.11
C PRO A 298 -0.76 16.66 9.76
N LEU A 299 -0.86 17.80 9.09
CA LEU A 299 0.33 18.53 8.69
C LEU A 299 1.06 19.10 9.92
N ALA A 300 0.34 19.66 10.88
CA ALA A 300 1.00 20.20 12.06
C ALA A 300 1.71 19.11 12.85
N LEU A 301 1.07 17.95 12.98
CA LEU A 301 1.73 16.82 13.64
C LEU A 301 3.05 16.48 12.95
N LEU A 302 3.03 16.41 11.62
CA LEU A 302 4.26 16.11 10.90
C LEU A 302 5.29 17.23 11.04
N GLN A 303 4.88 18.50 10.90
CA GLN A 303 5.78 19.63 11.10
C GLN A 303 6.50 19.54 12.45
N ARG A 304 5.77 19.12 13.49
CA ARG A 304 6.39 18.91 14.80
C ARG A 304 7.32 17.70 14.77
N PHE A 305 6.88 16.61 14.15
CA PHE A 305 7.71 15.42 14.08
C PHE A 305 9.02 15.70 13.35
N TYR A 306 8.98 16.48 12.25
CA TYR A 306 10.19 16.75 11.48
C TYR A 306 11.27 17.37 12.35
N ILE A 307 10.89 18.35 13.17
CA ILE A 307 11.88 18.98 14.05
C ILE A 307 12.33 17.99 15.12
N ASP A 308 11.39 17.24 15.69
CA ASP A 308 11.76 16.30 16.76
C ASP A 308 12.60 15.15 16.24
N VAL A 309 12.32 14.65 15.03
CA VAL A 309 13.07 13.50 14.53
C VAL A 309 14.52 13.87 14.20
N ALA A 310 14.75 15.13 13.80
CA ALA A 310 16.12 15.57 13.56
C ALA A 310 16.94 15.48 14.83
N ALA A 311 16.34 15.85 15.95
CA ALA A 311 17.05 15.74 17.22
C ALA A 311 17.24 14.28 17.62
N VAL A 312 16.25 13.43 17.32
CA VAL A 312 16.40 12.01 17.65
C VAL A 312 17.53 11.39 16.85
N ALA A 313 17.67 11.79 15.57
CA ALA A 313 18.74 11.27 14.74
C ALA A 313 20.11 11.58 15.34
N ILE A 314 20.31 12.83 15.75
CA ILE A 314 21.59 13.23 16.35
C ILE A 314 21.89 12.42 17.59
N ALA A 315 20.89 12.25 18.46
CA ALA A 315 21.09 11.51 19.70
C ALA A 315 21.51 10.07 19.45
N LEU A 316 21.10 9.51 18.30
CA LEU A 316 21.45 8.15 17.88
C LEU A 316 22.73 8.10 17.05
N GLY A 317 23.41 9.23 16.87
CA GLY A 317 24.68 9.26 16.15
C GLY A 317 24.57 9.20 14.65
N ILE A 318 23.45 9.65 14.08
CA ILE A 318 23.24 9.71 12.63
C ILE A 318 23.18 11.17 12.22
N ASN A 319 23.74 11.49 11.05
CA ASN A 319 23.59 12.82 10.48
C ASN A 319 22.36 12.80 9.58
N PRO A 320 21.23 13.35 10.01
CA PRO A 320 20.01 13.34 9.24
C PRO A 320 20.21 13.95 7.87
N ASP A 321 21.26 14.73 7.69
CA ASP A 321 21.48 15.35 6.36
C ASP A 321 22.29 14.38 5.52
N THR B 2 7.61 -33.44 8.09
CA THR B 2 6.32 -32.77 8.24
C THR B 2 6.20 -32.06 9.59
N THR B 3 5.48 -30.95 9.59
CA THR B 3 5.26 -30.16 10.79
C THR B 3 4.02 -30.60 11.57
N ASN B 4 3.17 -31.43 10.96
CA ASN B 4 1.88 -31.84 11.53
C ASN B 4 1.02 -30.65 11.97
N THR B 5 1.17 -29.50 11.31
CA THR B 5 0.30 -28.35 11.58
C THR B 5 -0.87 -28.35 10.61
N ILE B 6 -1.96 -27.73 11.05
CA ILE B 6 -3.08 -27.52 10.14
C ILE B 6 -2.65 -26.68 8.93
N MET B 7 -1.81 -25.67 9.17
CA MET B 7 -1.35 -24.79 8.10
C MET B 7 -0.72 -25.58 6.97
N GLU B 8 0.28 -26.41 7.29
CA GLU B 8 0.95 -27.17 6.23
C GLU B 8 -0.02 -28.10 5.53
N GLN B 9 -0.85 -28.82 6.30
CA GLN B 9 -1.80 -29.74 5.71
C GLN B 9 -2.75 -29.03 4.74
N GLU B 10 -3.27 -27.88 5.16
CA GLU B 10 -4.16 -27.12 4.30
C GLU B 10 -3.43 -26.61 3.06
N ALA B 11 -2.18 -26.18 3.22
CA ALA B 11 -1.44 -25.70 2.05
C ALA B 11 -1.24 -26.81 1.04
N ARG B 12 -1.02 -28.05 1.52
CA ARG B 12 -0.79 -29.16 0.60
C ARG B 12 -2.04 -29.54 -0.19
N THR B 13 -3.24 -29.20 0.30
CA THR B 13 -4.44 -29.51 -0.46
C THR B 13 -4.70 -28.52 -1.58
N ALA B 14 -3.94 -27.43 -1.65
CA ALA B 14 -4.26 -26.36 -2.60
C ALA B 14 -4.23 -26.79 -4.07
N PRO B 15 -3.29 -27.61 -4.55
CA PRO B 15 -3.36 -28.00 -5.97
C PRO B 15 -4.67 -28.70 -6.31
N GLN B 16 -5.13 -29.60 -5.42
CA GLN B 16 -6.38 -30.32 -5.68
C GLN B 16 -7.59 -29.42 -5.49
N LYS B 17 -7.55 -28.55 -4.48
CA LYS B 17 -8.65 -27.61 -4.26
C LYS B 17 -8.81 -26.66 -5.44
N ILE B 18 -7.69 -26.21 -6.01
CA ILE B 18 -7.72 -25.28 -7.15
C ILE B 18 -8.19 -26.00 -8.41
N ALA B 19 -7.69 -27.21 -8.67
CA ALA B 19 -8.17 -28.00 -9.81
C ALA B 19 -9.69 -28.15 -9.76
N GLU B 20 -10.21 -28.52 -8.60
CA GLU B 20 -11.66 -28.59 -8.45
C GLU B 20 -12.32 -27.23 -8.62
N GLN B 21 -11.68 -26.16 -8.12
CA GLN B 21 -12.27 -24.83 -8.24
C GLN B 21 -12.35 -24.38 -9.70
N LEU B 22 -11.27 -24.55 -10.45
CA LEU B 22 -11.25 -24.06 -11.82
C LEU B 22 -12.30 -24.79 -12.66
N LEU B 23 -12.50 -26.09 -12.38
CA LEU B 23 -13.50 -26.82 -13.16
C LEU B 23 -14.91 -26.44 -12.75
N ALA B 24 -15.20 -26.29 -11.46
CA ALA B 24 -16.54 -25.92 -11.03
C ALA B 24 -16.90 -24.49 -11.45
N ASN B 25 -15.92 -23.59 -11.59
CA ASN B 25 -16.25 -22.18 -11.84
C ASN B 25 -16.17 -21.80 -13.30
N ASP B 26 -15.95 -22.77 -14.19
CA ASP B 26 -15.78 -22.43 -15.59
C ASP B 26 -17.01 -21.70 -16.13
N ALA B 27 -18.21 -22.16 -15.77
CA ALA B 27 -19.43 -21.55 -16.30
C ALA B 27 -19.62 -20.13 -15.77
N ILE B 28 -19.51 -19.97 -14.45
CA ILE B 28 -19.74 -18.65 -13.86
C ILE B 28 -18.65 -17.66 -14.27
N THR B 29 -17.40 -18.11 -14.36
CA THR B 29 -16.35 -17.17 -14.76
C THR B 29 -16.44 -16.84 -16.25
N GLU B 30 -16.88 -17.79 -17.08
CA GLU B 30 -17.11 -17.48 -18.49
C GLU B 30 -18.18 -16.41 -18.63
N SER B 31 -19.27 -16.55 -17.87
CA SER B 31 -20.32 -15.54 -17.87
C SER B 31 -19.82 -14.18 -17.37
N LEU B 32 -18.99 -14.17 -16.31
CA LEU B 32 -18.48 -12.89 -15.81
C LEU B 32 -17.61 -12.20 -16.84
N GLY B 33 -16.77 -12.96 -17.54
CA GLY B 33 -15.94 -12.36 -18.58
C GLY B 33 -16.75 -11.68 -19.67
N SER B 34 -17.88 -12.27 -20.08
CA SER B 34 -18.74 -11.62 -21.08
C SER B 34 -19.38 -10.37 -20.48
N VAL B 35 -19.76 -10.42 -19.20
CA VAL B 35 -20.28 -9.23 -18.52
C VAL B 35 -19.25 -8.10 -18.56
N LEU B 36 -17.99 -8.42 -18.24
CA LEU B 36 -16.96 -7.41 -18.20
C LEU B 36 -16.66 -6.87 -19.59
N ARG B 37 -16.76 -7.72 -20.62
CA ARG B 37 -16.56 -7.26 -21.99
C ARG B 37 -17.70 -6.34 -22.45
N GLU B 38 -18.91 -6.56 -21.95
CA GLU B 38 -20.01 -5.64 -22.24
C GLU B 38 -19.97 -4.41 -21.33
N PHE B 39 -19.74 -4.62 -20.03
CA PHE B 39 -19.74 -3.52 -19.06
C PHE B 39 -18.62 -2.53 -19.36
N LYS B 40 -17.45 -3.02 -19.79
CA LYS B 40 -16.25 -2.24 -20.08
C LYS B 40 -15.86 -1.35 -18.91
N PRO B 41 -15.33 -1.92 -17.82
CA PRO B 41 -15.09 -1.13 -16.60
C PRO B 41 -14.08 -0.01 -16.81
N LYS B 42 -14.38 1.14 -16.20
CA LYS B 42 -13.44 2.25 -16.17
C LYS B 42 -12.28 1.97 -15.23
N PHE B 43 -12.49 1.11 -14.23
CA PHE B 43 -11.48 0.80 -13.24
C PHE B 43 -11.95 -0.41 -12.42
N VAL B 44 -11.01 -1.00 -11.70
CA VAL B 44 -11.29 -2.10 -10.77
C VAL B 44 -10.84 -1.65 -9.40
N MET B 45 -11.77 -1.59 -8.45
CA MET B 45 -11.47 -1.30 -7.05
C MET B 45 -11.61 -2.58 -6.24
N ILE B 46 -10.60 -2.86 -5.42
CA ILE B 46 -10.52 -4.10 -4.65
C ILE B 46 -10.84 -3.78 -3.19
N VAL B 47 -11.72 -4.56 -2.58
CA VAL B 47 -12.08 -4.40 -1.18
C VAL B 47 -11.61 -5.64 -0.43
N GLY B 48 -10.78 -5.45 0.60
CA GLY B 48 -10.35 -6.58 1.41
C GLY B 48 -9.34 -6.16 2.46
N ARG B 49 -9.05 -7.09 3.37
CA ARG B 49 -8.06 -6.90 4.43
C ARG B 49 -7.03 -8.02 4.40
N GLY B 50 -5.86 -7.72 4.98
CA GLY B 50 -4.82 -8.74 5.17
C GLY B 50 -4.49 -9.47 3.86
N SER B 51 -4.51 -10.81 3.92
CA SER B 51 -4.14 -11.61 2.76
C SER B 51 -5.07 -11.33 1.58
N SER B 52 -6.32 -10.97 1.86
CA SER B 52 -7.24 -10.59 0.78
C SER B 52 -6.86 -9.25 0.17
N ASP B 53 -6.40 -8.30 0.99
CA ASP B 53 -5.91 -7.04 0.44
C ASP B 53 -4.67 -7.29 -0.41
N HIS B 54 -3.78 -8.18 0.06
CA HIS B 54 -2.58 -8.49 -0.71
C HIS B 54 -2.94 -9.19 -2.01
N ALA B 55 -3.89 -10.12 -1.98
CA ALA B 55 -4.38 -10.70 -3.23
C ALA B 55 -4.83 -9.60 -4.18
N GLY B 56 -5.45 -8.55 -3.65
CA GLY B 56 -5.84 -7.43 -4.49
C GLY B 56 -4.68 -6.74 -5.16
N VAL B 57 -3.50 -6.73 -4.50
CA VAL B 57 -2.30 -6.21 -5.14
C VAL B 57 -1.88 -7.09 -6.32
N PHE B 58 -2.02 -8.41 -6.18
CA PHE B 58 -1.83 -9.29 -7.33
C PHE B 58 -2.82 -8.94 -8.44
N ALA B 59 -4.07 -8.67 -8.08
CA ALA B 59 -5.08 -8.31 -9.09
C ALA B 59 -4.72 -7.01 -9.81
N LYS B 60 -4.13 -6.06 -9.09
CA LYS B 60 -3.70 -4.81 -9.73
C LYS B 60 -2.77 -5.11 -10.91
N TYR B 61 -1.67 -5.82 -10.62
CA TYR B 61 -0.72 -6.14 -11.68
C TYR B 61 -1.38 -6.98 -12.76
N LEU B 62 -2.26 -7.88 -12.37
CA LEU B 62 -2.93 -8.77 -13.32
C LEU B 62 -3.81 -7.98 -14.28
N PHE B 63 -4.77 -7.22 -13.74
CA PHE B 63 -5.73 -6.52 -14.59
C PHE B 63 -5.09 -5.36 -15.33
N GLU B 64 -4.09 -4.69 -14.74
CA GLU B 64 -3.45 -3.59 -15.44
C GLU B 64 -2.57 -4.11 -16.56
N ILE B 65 -1.78 -5.15 -16.28
CA ILE B 65 -0.90 -5.67 -17.32
C ILE B 65 -1.68 -6.43 -18.38
N GLU B 66 -2.65 -7.25 -17.98
CA GLU B 66 -3.32 -8.12 -18.93
C GLU B 66 -4.56 -7.50 -19.58
N ALA B 67 -5.22 -6.53 -18.94
CA ALA B 67 -6.43 -5.92 -19.48
C ALA B 67 -6.36 -4.40 -19.63
N SER B 68 -5.27 -3.75 -19.22
CA SER B 68 -5.11 -2.29 -19.33
C SER B 68 -6.13 -1.51 -18.48
N ILE B 69 -6.68 -2.07 -17.42
CA ILE B 69 -7.68 -1.38 -16.60
C ILE B 69 -7.02 -0.93 -15.31
N PRO B 70 -7.04 0.37 -14.99
CA PRO B 70 -6.51 0.83 -13.70
C PRO B 70 -7.18 0.08 -12.56
N THR B 71 -6.36 -0.40 -11.63
CA THR B 71 -6.84 -1.27 -10.57
C THR B 71 -6.17 -0.82 -9.28
N PHE B 72 -6.92 -0.80 -8.19
CA PHE B 72 -6.41 -0.25 -6.95
C PHE B 72 -7.25 -0.75 -5.79
N ALA B 73 -6.77 -0.48 -4.58
CA ALA B 73 -7.39 -0.93 -3.35
C ALA B 73 -8.25 0.18 -2.75
N ALA B 74 -9.42 -0.19 -2.25
CA ALA B 74 -10.23 0.77 -1.50
C ALA B 74 -9.61 1.00 -0.13
N ALA B 75 -9.86 2.19 0.43
CA ALA B 75 -9.56 2.50 1.81
C ALA B 75 -10.89 2.42 2.54
N PRO B 76 -11.22 1.29 3.17
CA PRO B 76 -12.57 1.12 3.76
C PRO B 76 -12.99 2.23 4.71
N SER B 77 -12.04 2.87 5.40
CA SER B 77 -12.42 3.92 6.34
C SER B 77 -13.14 5.08 5.65
N VAL B 78 -12.86 5.31 4.37
CA VAL B 78 -13.56 6.38 3.65
C VAL B 78 -15.07 6.23 3.83
N ALA B 79 -15.56 4.99 3.73
CA ALA B 79 -16.95 4.62 3.93
C ALA B 79 -17.28 4.33 5.40
N SER B 80 -16.50 3.49 6.07
CA SER B 80 -16.89 2.97 7.38
C SER B 80 -16.61 3.94 8.52
N VAL B 81 -15.70 4.88 8.35
CA VAL B 81 -15.37 5.85 9.38
C VAL B 81 -15.77 7.27 8.98
N TYR B 82 -15.42 7.70 7.76
CA TYR B 82 -15.77 9.03 7.31
C TYR B 82 -17.14 9.08 6.68
N GLY B 83 -17.75 7.94 6.40
CA GLY B 83 -19.13 7.91 5.96
C GLY B 83 -19.37 8.49 4.57
N LYS B 84 -18.40 8.37 3.67
CA LYS B 84 -18.56 8.93 2.33
C LYS B 84 -18.85 7.82 1.34
N THR B 85 -19.57 8.18 0.30
CA THR B 85 -19.80 7.33 -0.86
C THR B 85 -18.94 7.89 -1.98
N LEU B 86 -18.44 7.03 -2.85
CA LEU B 86 -17.62 7.51 -3.94
C LEU B 86 -18.40 7.47 -5.23
N LYS B 87 -17.95 8.25 -6.20
CA LYS B 87 -18.48 8.14 -7.56
C LYS B 87 -17.87 6.89 -8.20
N LEU B 88 -18.64 5.80 -8.26
CA LEU B 88 -18.16 4.55 -8.84
C LEU B 88 -18.94 4.06 -10.05
N ALA B 89 -19.92 4.83 -10.53
CA ALA B 89 -20.71 4.41 -11.68
C ALA B 89 -19.80 4.01 -12.84
N GLY B 90 -20.07 2.85 -13.43
CA GLY B 90 -19.26 2.38 -14.53
C GLY B 90 -17.97 1.70 -14.13
N GLY B 91 -17.70 1.54 -12.84
CA GLY B 91 -16.52 0.81 -12.40
C GLY B 91 -16.87 -0.54 -11.83
N LEU B 92 -15.88 -1.44 -11.78
CA LEU B 92 -16.02 -2.78 -11.23
C LEU B 92 -15.45 -2.80 -9.82
N VAL B 93 -16.19 -3.35 -8.87
CA VAL B 93 -15.71 -3.52 -7.51
C VAL B 93 -15.67 -5.00 -7.18
N ILE B 94 -14.51 -5.47 -6.73
CA ILE B 94 -14.32 -6.86 -6.33
C ILE B 94 -14.08 -6.86 -4.83
N VAL B 95 -15.00 -7.47 -4.09
CA VAL B 95 -14.79 -7.71 -2.67
C VAL B 95 -14.15 -9.07 -2.50
N ILE B 96 -12.95 -9.11 -1.93
CA ILE B 96 -12.24 -10.34 -1.65
C ILE B 96 -12.27 -10.58 -0.14
N SER B 97 -12.78 -11.76 0.26
CA SER B 97 -12.81 -12.11 1.68
C SER B 97 -13.01 -13.61 1.84
N GLN B 98 -12.07 -14.27 2.51
CA GLN B 98 -12.24 -15.68 2.86
C GLN B 98 -13.50 -15.87 3.70
N SER B 99 -13.56 -15.19 4.86
CA SER B 99 -14.70 -15.29 5.75
C SER B 99 -15.91 -14.51 5.25
N GLY B 100 -15.69 -13.29 4.73
CA GLY B 100 -16.81 -12.48 4.27
C GLY B 100 -17.61 -11.79 5.34
N ARG B 101 -17.02 -11.50 6.53
CA ARG B 101 -17.75 -10.91 7.65
C ARG B 101 -17.13 -9.66 8.29
N SER B 102 -15.97 -9.19 7.81
CA SER B 102 -15.40 -8.01 8.52
C SER B 102 -16.31 -6.81 8.24
N PRO B 103 -16.63 -6.00 9.28
CA PRO B 103 -17.65 -4.94 9.11
C PRO B 103 -17.18 -3.76 8.28
N ASP B 104 -15.90 -3.37 8.39
CA ASP B 104 -15.40 -2.37 7.46
C ASP B 104 -15.54 -2.85 6.02
N ILE B 105 -15.26 -4.14 5.78
CA ILE B 105 -15.41 -4.72 4.45
C ILE B 105 -16.88 -4.70 4.01
N LEU B 106 -17.78 -5.09 4.91
CA LEU B 106 -19.21 -5.11 4.55
C LEU B 106 -19.75 -3.71 4.31
N ALA B 107 -19.39 -2.74 5.16
CA ALA B 107 -19.84 -1.37 4.96
C ALA B 107 -19.35 -0.83 3.63
N GLN B 108 -18.09 -1.11 3.29
CA GLN B 108 -17.56 -0.63 2.02
C GLN B 108 -18.23 -1.31 0.83
N ALA B 109 -18.65 -2.56 0.98
CA ALA B 109 -19.37 -3.22 -0.10
C ALA B 109 -20.75 -2.60 -0.28
N ARG B 110 -21.41 -2.25 0.83
CA ARG B 110 -22.75 -1.63 0.74
C ARG B 110 -22.63 -0.28 0.05
N MET B 111 -21.60 0.48 0.42
CA MET B 111 -21.46 1.80 -0.21
C MET B 111 -21.07 1.64 -1.68
N ALA B 112 -20.25 0.68 -2.05
CA ALA B 112 -19.94 0.49 -3.48
C ALA B 112 -21.22 0.08 -4.23
N LYS B 113 -22.03 -0.75 -3.61
CA LYS B 113 -23.25 -1.17 -4.26
C LYS B 113 -24.23 0.00 -4.38
N ASN B 114 -24.31 0.83 -3.34
CA ASN B 114 -25.19 1.99 -3.38
C ASN B 114 -24.71 3.03 -4.38
N ALA B 115 -23.43 3.02 -4.75
CA ALA B 115 -22.87 4.01 -5.67
C ALA B 115 -23.02 3.64 -7.15
N GLY B 116 -23.67 2.53 -7.46
CA GLY B 116 -23.86 2.18 -8.85
C GLY B 116 -22.72 1.39 -9.48
N ALA B 117 -21.80 0.86 -8.70
CA ALA B 117 -20.74 0.02 -9.24
C ALA B 117 -21.24 -1.42 -9.42
N PHE B 118 -20.76 -2.08 -10.45
CA PHE B 118 -20.97 -3.52 -10.58
C PHE B 118 -20.07 -4.22 -9.56
N CYS B 119 -20.68 -5.00 -8.66
CA CYS B 119 -19.96 -5.59 -7.53
C CYS B 119 -19.87 -7.11 -7.65
N VAL B 120 -18.66 -7.63 -7.45
CA VAL B 120 -18.36 -9.07 -7.48
C VAL B 120 -17.71 -9.42 -6.16
N ALA B 121 -18.02 -10.61 -5.64
CA ALA B 121 -17.40 -11.13 -4.43
C ALA B 121 -16.67 -12.40 -4.77
N LEU B 122 -15.42 -12.49 -4.32
CA LEU B 122 -14.67 -13.75 -4.30
C LEU B 122 -14.63 -14.09 -2.82
N VAL B 123 -15.42 -15.07 -2.40
CA VAL B 123 -15.56 -15.41 -0.99
C VAL B 123 -15.46 -16.93 -0.84
N ASN B 124 -14.82 -17.38 0.25
CA ASN B 124 -14.70 -18.81 0.59
C ASN B 124 -15.91 -19.35 1.34
N ASP B 125 -16.38 -18.60 2.34
CA ASP B 125 -17.52 -19.00 3.17
C ASP B 125 -18.81 -18.70 2.42
N GLU B 126 -19.46 -19.77 1.92
CA GLU B 126 -20.70 -19.65 1.16
C GLU B 126 -21.81 -19.02 1.99
N THR B 127 -21.74 -19.13 3.32
CA THR B 127 -22.81 -18.57 4.13
C THR B 127 -22.61 -17.08 4.45
N ALA B 128 -21.45 -16.52 4.17
CA ALA B 128 -21.14 -15.16 4.61
C ALA B 128 -22.14 -14.13 4.07
N PRO B 129 -22.37 -13.05 4.82
CA PRO B 129 -23.35 -12.03 4.40
C PRO B 129 -22.96 -11.22 3.17
N ILE B 130 -21.70 -11.28 2.72
CA ILE B 130 -21.32 -10.50 1.53
C ILE B 130 -22.15 -10.91 0.32
N LYS B 131 -22.57 -12.17 0.26
CA LYS B 131 -23.39 -12.66 -0.83
C LYS B 131 -24.70 -11.90 -0.98
N ASP B 132 -25.16 -11.24 0.07
CA ASP B 132 -26.41 -10.49 0.04
C ASP B 132 -26.26 -9.04 -0.40
N ILE B 133 -25.04 -8.54 -0.52
CA ILE B 133 -24.78 -7.15 -0.93
C ILE B 133 -24.42 -7.04 -2.41
N VAL B 134 -23.60 -7.97 -2.92
CA VAL B 134 -23.01 -7.90 -4.27
C VAL B 134 -23.92 -8.44 -5.37
N ASP B 135 -23.48 -8.26 -6.62
CA ASP B 135 -24.18 -8.69 -7.83
C ASP B 135 -23.86 -10.11 -8.26
N VAL B 136 -22.61 -10.54 -8.12
CA VAL B 136 -22.16 -11.86 -8.54
C VAL B 136 -21.19 -12.38 -7.49
N VAL B 137 -21.33 -13.66 -7.12
CA VAL B 137 -20.40 -14.35 -6.24
C VAL B 137 -19.60 -15.36 -7.04
N ILE B 138 -18.28 -15.33 -6.89
CA ILE B 138 -17.38 -16.37 -7.38
C ILE B 138 -16.93 -17.17 -6.16
N PRO B 139 -17.42 -18.41 -5.97
CA PRO B 139 -17.05 -19.18 -4.78
C PRO B 139 -15.60 -19.62 -4.88
N LEU B 140 -14.84 -19.40 -3.80
CA LEU B 140 -13.43 -19.80 -3.82
C LEU B 140 -13.26 -21.31 -3.78
N ARG B 141 -14.20 -22.04 -3.15
CA ARG B 141 -14.22 -23.52 -3.14
C ARG B 141 -12.94 -24.12 -2.58
N ALA B 142 -12.37 -23.49 -1.56
CA ALA B 142 -11.18 -24.02 -0.94
C ALA B 142 -11.50 -24.94 0.24
N GLY B 143 -12.76 -24.96 0.66
CA GLY B 143 -13.15 -25.69 1.85
C GLY B 143 -12.91 -24.84 3.07
N GLU B 144 -13.30 -25.36 4.24
CA GLU B 144 -13.08 -24.60 5.45
C GLU B 144 -11.59 -24.46 5.71
N GLU B 145 -11.15 -23.25 6.05
CA GLU B 145 -9.76 -22.98 6.41
C GLU B 145 -9.72 -22.81 7.91
N LYS B 146 -9.08 -23.75 8.60
CA LYS B 146 -9.07 -23.74 10.06
C LYS B 146 -7.82 -23.11 10.64
N ALA B 147 -6.70 -23.11 9.92
CA ALA B 147 -5.53 -22.40 10.42
C ALA B 147 -5.83 -20.91 10.36
N VAL B 148 -5.29 -20.16 11.32
CA VAL B 148 -5.41 -18.71 11.29
C VAL B 148 -4.71 -18.15 10.06
N ALA B 149 -3.49 -18.62 9.78
CA ALA B 149 -2.75 -18.14 8.62
C ALA B 149 -3.39 -18.71 7.37
N ALA B 150 -3.85 -17.83 6.49
CA ALA B 150 -4.42 -18.23 5.21
C ALA B 150 -3.35 -18.82 4.29
N THR B 151 -3.66 -19.93 3.64
CA THR B 151 -2.78 -20.51 2.63
C THR B 151 -3.60 -20.86 1.40
N LYS B 152 -4.38 -21.95 1.48
CA LYS B 152 -5.18 -22.34 0.32
C LYS B 152 -6.17 -21.26 -0.10
N SER B 153 -6.73 -20.52 0.87
CA SER B 153 -7.73 -19.51 0.52
C SER B 153 -7.12 -18.33 -0.23
N TYR B 154 -5.86 -18.01 0.05
CA TYR B 154 -5.18 -16.99 -0.73
C TYR B 154 -4.86 -17.51 -2.14
N LEU B 155 -4.30 -18.72 -2.24
CA LEU B 155 -4.04 -19.30 -3.56
C LEU B 155 -5.32 -19.46 -4.37
N ALA B 156 -6.42 -19.83 -3.71
CA ALA B 156 -7.69 -19.94 -4.42
C ALA B 156 -8.20 -18.58 -4.86
N THR B 157 -7.90 -17.52 -4.09
CA THR B 157 -8.21 -16.17 -4.55
C THR B 157 -7.43 -15.85 -5.83
N LEU B 158 -6.13 -16.13 -5.83
CA LEU B 158 -5.34 -15.84 -7.02
C LEU B 158 -5.84 -16.67 -8.19
N SER B 159 -6.15 -17.95 -7.97
CA SER B 159 -6.61 -18.80 -9.07
C SER B 159 -7.96 -18.33 -9.64
N ALA B 160 -8.85 -17.82 -8.78
CA ALA B 160 -10.08 -17.20 -9.30
C ALA B 160 -9.80 -15.90 -10.05
N LEU B 161 -8.88 -15.07 -9.53
CA LEU B 161 -8.53 -13.85 -10.25
C LEU B 161 -7.96 -14.15 -11.63
N LEU B 162 -7.10 -15.18 -11.71
CA LEU B 162 -6.54 -15.59 -13.01
C LEU B 162 -7.60 -16.13 -13.95
N GLN B 163 -8.50 -16.99 -13.45
CA GLN B 163 -9.56 -17.49 -14.33
C GLN B 163 -10.45 -16.36 -14.80
N VAL B 164 -10.82 -15.43 -13.91
CA VAL B 164 -11.62 -14.27 -14.34
C VAL B 164 -10.89 -13.50 -15.44
N ALA B 165 -9.58 -13.30 -15.26
CA ALA B 165 -8.79 -12.61 -16.28
C ALA B 165 -8.76 -13.37 -17.59
N ALA B 166 -8.55 -14.68 -17.52
CA ALA B 166 -8.50 -15.48 -18.73
C ALA B 166 -9.84 -15.43 -19.45
N LYS B 167 -10.95 -15.55 -18.71
CA LYS B 167 -12.26 -15.46 -19.35
C LYS B 167 -12.54 -14.07 -19.93
N TRP B 168 -12.17 -13.03 -19.19
CA TRP B 168 -12.47 -11.65 -19.61
C TRP B 168 -11.65 -11.24 -20.82
N THR B 169 -10.33 -11.35 -20.73
CA THR B 169 -9.47 -10.96 -21.83
C THR B 169 -9.48 -11.98 -22.98
N GLN B 170 -9.63 -13.26 -22.66
CA GLN B 170 -9.56 -14.35 -23.63
C GLN B 170 -8.17 -14.48 -24.24
N ASN B 171 -7.15 -13.94 -23.58
CA ASN B 171 -5.79 -14.08 -24.07
C ASN B 171 -5.36 -15.54 -23.94
N GLU B 172 -4.90 -16.12 -25.06
CA GLU B 172 -4.54 -17.54 -25.08
C GLU B 172 -3.41 -17.86 -24.11
N SER B 173 -2.51 -16.90 -23.89
CA SER B 173 -1.49 -17.05 -22.86
C SER B 173 -2.13 -17.28 -21.49
N LEU B 174 -3.05 -16.39 -21.08
CA LEU B 174 -3.69 -16.55 -19.79
C LEU B 174 -4.52 -17.83 -19.72
N VAL B 175 -5.15 -18.22 -20.84
CA VAL B 175 -5.92 -19.47 -20.84
C VAL B 175 -4.99 -20.65 -20.62
N GLU B 176 -3.81 -20.64 -21.25
CA GLU B 176 -2.86 -21.71 -21.03
C GLU B 176 -2.30 -21.67 -19.62
N ALA B 177 -2.15 -20.46 -19.05
CA ALA B 177 -1.66 -20.32 -17.70
C ALA B 177 -2.62 -20.95 -16.69
N VAL B 178 -3.91 -20.67 -16.84
CA VAL B 178 -4.91 -21.26 -15.95
C VAL B 178 -4.98 -22.78 -16.11
N ASN B 179 -5.01 -23.27 -17.37
CA ASN B 179 -5.01 -24.71 -17.62
CA ASN B 179 -5.03 -24.71 -17.61
C ASN B 179 -3.86 -25.41 -16.92
N SER B 180 -2.71 -24.75 -16.85
CA SER B 180 -1.49 -25.33 -16.29
C SER B 180 -1.34 -25.13 -14.78
N LEU B 181 -2.25 -24.40 -14.13
CA LEU B 181 -2.06 -24.01 -12.73
C LEU B 181 -2.01 -25.17 -11.73
N PRO B 182 -2.98 -26.11 -11.70
CA PRO B 182 -2.87 -27.21 -10.73
C PRO B 182 -1.54 -27.93 -10.83
N GLN B 183 -1.10 -28.25 -12.05
CA GLN B 183 0.16 -28.96 -12.24
C GLN B 183 1.35 -28.15 -11.74
N ALA B 184 1.31 -26.82 -11.94
CA ALA B 184 2.38 -25.97 -11.40
C ALA B 184 2.35 -25.96 -9.88
N LEU B 185 1.15 -25.92 -9.29
CA LEU B 185 1.08 -25.93 -7.83
C LEU B 185 1.57 -27.24 -7.27
N GLN B 186 1.17 -28.37 -7.88
CA GLN B 186 1.61 -29.67 -7.42
C GLN B 186 3.13 -29.80 -7.52
N ALA B 187 3.71 -29.39 -8.65
CA ALA B 187 5.15 -29.39 -8.80
C ALA B 187 5.84 -28.60 -7.68
N ALA B 188 5.27 -27.45 -7.29
CA ALA B 188 5.84 -26.66 -6.20
C ALA B 188 5.74 -27.40 -4.86
N VAL B 189 4.62 -28.09 -4.62
CA VAL B 189 4.46 -28.85 -3.38
C VAL B 189 5.54 -29.93 -3.27
N ASP B 190 5.85 -30.59 -4.41
CA ASP B 190 6.84 -31.67 -4.48
C ASP B 190 8.30 -31.19 -4.53
N ALA B 191 8.55 -29.91 -4.83
CA ALA B 191 9.91 -29.41 -4.98
C ALA B 191 10.66 -29.39 -3.64
N GLU B 192 11.97 -29.19 -3.71
CA GLU B 192 12.78 -29.15 -2.50
C GLU B 192 12.44 -27.89 -1.68
N PRO B 193 12.49 -28.00 -0.36
CA PRO B 193 12.27 -26.82 0.48
C PRO B 193 13.28 -25.72 0.15
N GLN B 194 12.83 -24.47 0.28
CA GLN B 194 13.70 -23.32 0.04
C GLN B 194 14.03 -22.56 1.32
N LEU B 195 13.04 -21.99 2.00
CA LEU B 195 13.26 -21.23 3.21
C LEU B 195 13.45 -22.19 4.37
N ARG B 196 14.59 -22.08 5.05
CA ARG B 196 14.92 -22.93 6.18
C ARG B 196 15.03 -22.08 7.43
N ALA B 197 14.68 -22.68 8.57
CA ALA B 197 14.64 -21.94 9.82
C ALA B 197 15.99 -21.32 10.17
N GLY B 198 17.08 -22.05 9.91
CA GLY B 198 18.41 -21.53 10.22
C GLY B 198 18.70 -20.19 9.55
N SER B 199 18.05 -19.93 8.42
CA SER B 199 18.22 -18.65 7.75
C SER B 199 17.60 -17.51 8.54
N LEU B 200 16.54 -17.78 9.32
CA LEU B 200 15.78 -16.74 10.02
C LEU B 200 15.98 -16.72 11.52
N THR B 201 16.84 -17.56 12.08
CA THR B 201 17.10 -17.49 13.50
C THR B 201 17.99 -16.29 13.74
N ASP B 202 17.67 -15.53 14.80
CA ASP B 202 18.33 -14.27 15.13
C ASP B 202 17.97 -13.13 14.17
N VAL B 203 16.84 -13.22 13.48
CA VAL B 203 16.36 -12.14 12.63
C VAL B 203 15.08 -11.56 13.23
N LYS B 204 15.15 -10.35 13.80
CA LYS B 204 13.96 -9.73 14.36
C LYS B 204 13.15 -8.99 13.31
N ASN B 205 13.80 -8.47 12.27
CA ASN B 205 13.12 -7.77 11.20
C ASN B 205 13.90 -8.01 9.91
N LEU B 206 13.20 -7.92 8.78
CA LEU B 206 13.83 -8.13 7.48
C LEU B 206 13.00 -7.44 6.42
N VAL B 207 13.54 -7.41 5.21
CA VAL B 207 12.88 -6.80 4.07
C VAL B 207 12.65 -7.88 3.02
N VAL B 208 11.44 -7.91 2.46
CA VAL B 208 11.14 -8.76 1.32
C VAL B 208 11.18 -7.87 0.08
N LEU B 209 12.02 -8.24 -0.89
CA LEU B 209 12.16 -7.49 -2.14
C LEU B 209 11.64 -8.30 -3.32
N GLY B 210 10.80 -7.68 -4.13
CA GLY B 210 10.32 -8.26 -5.38
C GLY B 210 10.00 -7.12 -6.32
N ARG B 211 9.56 -7.49 -7.53
CA ARG B 211 9.19 -6.49 -8.50
C ARG B 211 8.02 -7.02 -9.30
N GLY B 212 7.05 -6.15 -9.58
CA GLY B 212 5.87 -6.57 -10.33
C GLY B 212 5.04 -7.56 -9.53
N PHE B 213 4.62 -8.66 -10.19
CA PHE B 213 3.92 -9.73 -9.50
C PHE B 213 4.73 -10.26 -8.33
N GLY B 214 6.07 -10.28 -8.46
CA GLY B 214 6.90 -10.68 -7.33
C GLY B 214 6.77 -9.74 -6.15
N TYR B 215 6.54 -8.45 -6.41
CA TYR B 215 6.27 -7.56 -5.29
C TYR B 215 4.91 -7.88 -4.67
N ALA B 216 3.93 -8.22 -5.51
CA ALA B 216 2.60 -8.56 -4.99
C ALA B 216 2.65 -9.75 -4.04
N VAL B 217 3.34 -10.82 -4.43
CA VAL B 217 3.42 -11.94 -3.49
C VAL B 217 4.35 -11.64 -2.32
N SER B 218 5.26 -10.67 -2.48
CA SER B 218 6.14 -10.29 -1.37
C SER B 218 5.33 -9.77 -0.20
N LYS B 219 4.27 -8.98 -0.47
CA LYS B 219 3.41 -8.47 0.60
C LYS B 219 2.77 -9.60 1.39
N GLU B 220 2.35 -10.66 0.71
CA GLU B 220 1.76 -11.81 1.40
C GLU B 220 2.80 -12.57 2.21
N ILE B 221 4.01 -12.72 1.67
CA ILE B 221 5.09 -13.37 2.40
C ILE B 221 5.45 -12.59 3.64
N ALA B 222 5.55 -11.25 3.53
CA ALA B 222 5.89 -10.43 4.70
C ALA B 222 4.83 -10.55 5.79
N LEU B 223 3.55 -10.63 5.40
CA LEU B 223 2.49 -10.85 6.40
C LEU B 223 2.63 -12.21 7.07
N LYS B 224 2.95 -13.25 6.29
CA LYS B 224 3.10 -14.58 6.87
C LYS B 224 4.26 -14.63 7.86
N LEU B 225 5.34 -13.92 7.55
CA LEU B 225 6.47 -13.88 8.47
C LEU B 225 6.10 -13.16 9.75
N LYS B 226 5.34 -12.06 9.67
CA LYS B 226 4.80 -11.44 10.89
C LYS B 226 3.88 -12.41 11.61
N GLU B 227 2.94 -13.01 10.85
CA GLU B 227 1.81 -13.71 11.46
C GLU B 227 2.23 -15.01 12.15
N VAL B 228 3.09 -15.82 11.52
CA VAL B 228 3.46 -17.12 12.08
C VAL B 228 4.90 -17.22 12.56
N CYS B 229 5.75 -16.23 12.25
CA CYS B 229 7.12 -16.26 12.74
C CYS B 229 7.44 -15.13 13.71
N ALA B 230 6.49 -14.22 13.94
CA ALA B 230 6.71 -13.01 14.74
C ALA B 230 7.96 -12.24 14.31
N ILE B 231 8.30 -12.28 13.01
CA ILE B 231 9.38 -11.49 12.45
C ILE B 231 8.79 -10.23 11.84
N HIS B 232 9.39 -9.07 12.13
CA HIS B 232 8.94 -7.82 11.51
C HIS B 232 9.46 -7.74 10.08
N ALA B 233 8.73 -8.36 9.17
CA ALA B 233 9.07 -8.39 7.75
C ALA B 233 8.26 -7.32 7.03
N GLU B 234 8.93 -6.55 6.18
CA GLU B 234 8.27 -5.50 5.38
C GLU B 234 8.62 -5.68 3.91
N ALA B 235 7.60 -5.62 3.05
CA ALA B 235 7.77 -5.80 1.61
C ALA B 235 7.97 -4.47 0.89
N PHE B 236 8.96 -4.44 -0.01
CA PHE B 236 9.24 -3.28 -0.83
C PHE B 236 9.40 -3.73 -2.28
N SER B 237 9.00 -2.86 -3.19
CA SER B 237 9.45 -3.01 -4.57
C SER B 237 10.94 -2.73 -4.64
N SER B 238 11.66 -3.47 -5.50
CA SER B 238 13.09 -3.22 -5.64
C SER B 238 13.40 -1.91 -6.36
N ALA B 239 12.42 -1.32 -7.05
CA ALA B 239 12.56 0.05 -7.50
C ALA B 239 12.36 1.05 -6.34
N GLU B 240 11.32 0.84 -5.53
CA GLU B 240 11.00 1.76 -4.44
C GLU B 240 12.04 1.74 -3.31
N PHE B 241 12.67 0.60 -3.06
CA PHE B 241 13.56 0.46 -1.92
C PHE B 241 14.68 1.48 -1.91
N LEU B 242 15.14 1.91 -3.09
CA LEU B 242 16.26 2.85 -3.13
C LEU B 242 15.89 4.25 -2.68
N HIS B 243 14.61 4.61 -2.66
CA HIS B 243 14.21 5.98 -2.34
C HIS B 243 14.04 6.18 -0.84
N GLY B 244 15.07 5.83 -0.06
CA GLY B 244 15.02 6.00 1.38
C GLY B 244 15.24 4.73 2.19
N PRO B 245 14.39 3.71 1.97
CA PRO B 245 14.49 2.51 2.83
C PRO B 245 15.83 1.79 2.75
N VAL B 246 16.55 1.94 1.64
CA VAL B 246 17.85 1.30 1.44
C VAL B 246 18.85 1.69 2.53
N THR B 247 18.57 2.77 3.26
CA THR B 247 19.40 3.19 4.39
C THR B 247 19.56 2.09 5.43
N LEU B 248 18.57 1.20 5.55
CA LEU B 248 18.67 0.11 6.53
C LEU B 248 19.82 -0.85 6.25
N VAL B 249 20.37 -0.83 5.03
CA VAL B 249 21.53 -1.66 4.70
C VAL B 249 22.81 -1.11 5.35
N GLU B 250 22.74 0.05 6.00
CA GLU B 250 23.91 0.60 6.66
C GLU B 250 24.26 -0.18 7.92
N LYS B 251 23.25 -0.58 8.70
CA LYS B 251 23.42 -1.65 9.68
C LYS B 251 23.24 -3.01 8.99
N LYS B 252 23.36 -4.08 9.75
CA LYS B 252 23.12 -5.40 9.19
C LYS B 252 21.63 -5.54 8.90
N LEU B 253 21.29 -6.01 7.70
CA LEU B 253 19.89 -6.13 7.32
C LEU B 253 19.69 -7.41 6.51
N SER B 254 18.73 -8.22 6.92
CA SER B 254 18.36 -9.41 6.19
C SER B 254 17.34 -9.05 5.12
N ILE B 255 17.48 -9.67 3.96
CA ILE B 255 16.60 -9.40 2.83
C ILE B 255 16.17 -10.73 2.24
N LEU B 256 14.86 -10.92 2.14
CA LEU B 256 14.27 -12.07 1.48
C LEU B 256 13.97 -11.67 0.03
N ASP B 257 14.60 -12.37 -0.91
CA ASP B 257 14.55 -12.03 -2.33
C ASP B 257 13.51 -12.91 -3.01
N VAL B 258 12.45 -12.29 -3.50
CA VAL B 258 11.39 -12.97 -4.24
C VAL B 258 11.73 -12.82 -5.72
N CYS B 259 12.25 -13.88 -6.34
CA CYS B 259 12.68 -13.85 -7.73
C CYS B 259 11.64 -14.52 -8.62
N ILE B 260 11.09 -13.75 -9.57
CA ILE B 260 10.13 -14.23 -10.54
C ILE B 260 10.78 -14.12 -11.91
N ARG B 261 10.73 -15.21 -12.69
CA ARG B 261 11.31 -15.21 -14.03
C ARG B 261 10.28 -14.72 -15.05
N ASP B 262 9.99 -13.42 -14.98
CA ASP B 262 9.07 -12.78 -15.92
C ASP B 262 9.77 -11.55 -16.47
N GLU B 263 8.98 -10.61 -17.02
CA GLU B 263 9.58 -9.39 -17.56
C GLU B 263 10.36 -8.62 -16.49
N SER B 264 10.01 -8.79 -15.21
CA SER B 264 10.67 -8.04 -14.15
C SER B 264 12.06 -8.57 -13.81
N TYR B 265 12.42 -9.74 -14.33
CA TYR B 265 13.64 -10.43 -13.91
C TYR B 265 14.89 -9.55 -13.98
N GLY B 266 15.14 -8.94 -15.15
CA GLY B 266 16.30 -8.08 -15.36
C GLY B 266 16.50 -6.95 -14.37
N SER B 267 15.49 -6.08 -14.22
CA SER B 267 15.52 -5.02 -13.22
C SER B 267 15.75 -5.58 -11.83
N HIS B 268 15.04 -6.66 -11.49
CA HIS B 268 15.06 -7.12 -10.11
C HIS B 268 16.42 -7.70 -9.73
N VAL B 269 16.98 -8.59 -10.56
CA VAL B 269 18.27 -9.19 -10.22
C VAL B 269 19.37 -8.14 -10.19
N GLU B 270 19.28 -7.12 -11.03
CA GLU B 270 20.22 -6.01 -10.95
C GLU B 270 20.16 -5.32 -9.60
N GLN B 271 18.96 -5.13 -9.05
CA GLN B 271 18.84 -4.48 -7.74
C GLN B 271 19.21 -5.41 -6.59
N ILE B 272 18.98 -6.72 -6.75
CA ILE B 272 19.41 -7.66 -5.72
C ILE B 272 20.93 -7.66 -5.62
N ALA B 273 21.62 -7.62 -6.77
CA ALA B 273 23.07 -7.53 -6.81
C ALA B 273 23.58 -6.24 -6.17
N ASN B 274 22.82 -5.15 -6.29
CA ASN B 274 23.20 -3.90 -5.64
C ASN B 274 23.13 -4.00 -4.12
N VAL B 275 22.01 -4.48 -3.57
CA VAL B 275 21.93 -4.54 -2.11
C VAL B 275 22.87 -5.62 -1.55
N LYS B 276 23.22 -6.63 -2.36
CA LYS B 276 24.21 -7.60 -1.93
C LYS B 276 25.58 -6.93 -1.81
N GLN B 277 25.99 -6.21 -2.86
CA GLN B 277 27.25 -5.47 -2.82
C GLN B 277 27.28 -4.47 -1.67
N ARG B 278 26.13 -3.91 -1.29
CA ARG B 278 26.08 -2.95 -0.20
C ARG B 278 26.15 -3.62 1.18
N GLY B 279 26.05 -4.94 1.24
CA GLY B 279 26.30 -5.67 2.46
C GLY B 279 25.09 -6.34 3.06
N ALA B 280 24.01 -6.52 2.31
CA ALA B 280 22.81 -7.11 2.86
C ALA B 280 22.93 -8.62 2.88
N ASN B 281 22.28 -9.21 3.87
CA ASN B 281 22.25 -10.65 4.09
C ASN B 281 21.08 -11.22 3.28
N LEU B 282 21.39 -11.83 2.14
CA LEU B 282 20.33 -12.25 1.21
C LEU B 282 19.83 -13.67 1.47
N ILE B 283 18.52 -13.85 1.28
CA ILE B 283 17.86 -15.15 1.29
C ILE B 283 16.95 -15.22 0.06
N HIS B 284 17.09 -16.28 -0.73
CA HIS B 284 16.48 -16.35 -2.07
C HIS B 284 15.31 -17.32 -2.10
N LEU B 285 14.15 -16.83 -2.51
CA LEU B 285 13.02 -17.67 -2.86
C LEU B 285 12.89 -17.66 -4.37
N HIS B 286 12.39 -18.76 -4.93
CA HIS B 286 12.27 -18.82 -6.38
C HIS B 286 11.09 -19.70 -6.75
N GLN B 287 10.77 -19.70 -8.04
CA GLN B 287 9.52 -20.27 -8.51
C GLN B 287 9.52 -21.79 -8.61
N THR B 288 10.60 -22.48 -8.21
CA THR B 288 10.78 -23.91 -8.44
C THR B 288 11.29 -24.18 -9.86
N SER B 289 12.08 -25.24 -10.02
CA SER B 289 12.72 -25.56 -11.30
C SER B 289 11.72 -25.93 -12.39
N ALA B 290 10.47 -26.23 -12.03
CA ALA B 290 9.55 -26.79 -13.02
C ALA B 290 9.26 -25.74 -14.09
N ASP B 291 8.82 -26.22 -15.26
CA ASP B 291 8.63 -25.34 -16.43
C ASP B 291 7.31 -24.61 -16.21
N ILE B 292 7.40 -23.45 -15.56
CA ILE B 292 6.23 -22.72 -15.09
C ILE B 292 5.96 -21.51 -15.97
N HIS B 293 4.67 -21.33 -16.28
CA HIS B 293 4.22 -20.12 -16.97
C HIS B 293 4.62 -18.93 -16.10
N PRO B 294 5.10 -17.85 -16.70
CA PRO B 294 5.57 -16.71 -15.89
C PRO B 294 4.48 -16.11 -14.99
N ARG B 295 3.22 -16.12 -15.42
CA ARG B 295 2.15 -15.59 -14.60
C ARG B 295 1.73 -16.52 -13.48
N ILE B 296 2.10 -17.79 -13.57
CA ILE B 296 1.80 -18.77 -12.52
C ILE B 296 2.98 -18.89 -11.56
N ALA B 297 4.17 -18.49 -12.00
CA ALA B 297 5.38 -18.53 -11.16
C ALA B 297 5.22 -17.90 -9.78
N PRO B 298 4.55 -16.73 -9.62
CA PRO B 298 4.35 -16.20 -8.26
C PRO B 298 3.59 -17.14 -7.37
N LEU B 299 2.55 -17.78 -7.90
CA LEU B 299 1.74 -18.69 -7.09
C LEU B 299 2.55 -19.90 -6.65
N ALA B 300 3.38 -20.43 -7.56
CA ALA B 300 4.18 -21.61 -7.26
C ALA B 300 5.21 -21.32 -6.17
N LEU B 301 5.89 -20.17 -6.26
CA LEU B 301 6.82 -19.76 -5.22
C LEU B 301 6.13 -19.74 -3.87
N LEU B 302 4.95 -19.15 -3.84
CA LEU B 302 4.18 -19.00 -2.61
C LEU B 302 3.72 -20.35 -2.07
N GLN B 303 3.20 -21.21 -2.94
CA GLN B 303 2.83 -22.57 -2.53
C GLN B 303 3.97 -23.26 -1.80
N ARG B 304 5.21 -23.08 -2.30
CA ARG B 304 6.39 -23.61 -1.66
C ARG B 304 6.66 -22.91 -0.32
N PHE B 305 6.57 -21.58 -0.31
CA PHE B 305 6.85 -20.82 0.90
C PHE B 305 5.89 -21.18 2.03
N TYR B 306 4.60 -21.36 1.72
CA TYR B 306 3.62 -21.68 2.75
C TYR B 306 4.01 -22.94 3.53
N ILE B 307 4.42 -23.99 2.83
CA ILE B 307 4.81 -25.23 3.50
C ILE B 307 6.07 -25.02 4.31
N ASP B 308 7.05 -24.31 3.73
CA ASP B 308 8.34 -24.13 4.40
C ASP B 308 8.21 -23.22 5.62
N VAL B 309 7.37 -22.18 5.53
CA VAL B 309 7.24 -21.26 6.66
C VAL B 309 6.56 -21.95 7.84
N ALA B 310 5.73 -22.95 7.57
CA ALA B 310 5.11 -23.70 8.67
C ALA B 310 6.17 -24.34 9.55
N ALA B 311 7.24 -24.86 8.94
CA ALA B 311 8.36 -25.41 9.69
C ALA B 311 9.17 -24.32 10.39
N VAL B 312 9.32 -23.14 9.78
CA VAL B 312 10.02 -22.05 10.47
C VAL B 312 9.26 -21.64 11.73
N ALA B 313 7.93 -21.61 11.65
CA ALA B 313 7.12 -21.23 12.80
C ALA B 313 7.39 -22.16 13.98
N ILE B 314 7.38 -23.48 13.72
CA ILE B 314 7.65 -24.46 14.77
C ILE B 314 9.03 -24.22 15.36
N ALA B 315 10.04 -24.05 14.50
CA ALA B 315 11.40 -23.90 15.00
C ALA B 315 11.55 -22.66 15.86
N LEU B 316 10.71 -21.64 15.64
CA LEU B 316 10.75 -20.43 16.43
C LEU B 316 9.80 -20.48 17.63
N GLY B 317 9.13 -21.60 17.85
CA GLY B 317 8.26 -21.73 19.01
C GLY B 317 6.90 -21.08 18.86
N ILE B 318 6.40 -20.92 17.64
CA ILE B 318 5.08 -20.37 17.40
C ILE B 318 4.22 -21.49 16.83
N ASN B 319 2.95 -21.50 17.23
CA ASN B 319 2.02 -22.44 16.65
C ASN B 319 1.40 -21.71 15.47
N PRO B 320 1.76 -22.05 14.23
CA PRO B 320 1.25 -21.30 13.07
C PRO B 320 -0.24 -21.40 12.91
N ASP B 321 -0.87 -22.45 13.46
CA ASP B 321 -2.31 -22.60 13.33
C ASP B 321 -3.07 -21.60 14.18
N LYS B 322 -2.50 -21.21 15.34
CA LYS B 322 -3.16 -20.29 16.27
C LYS B 322 -2.15 -19.37 16.94
N PRO B 323 -1.64 -18.36 16.21
CA PRO B 323 -0.63 -17.47 16.79
C PRO B 323 -1.21 -16.62 17.90
N ALA B 324 -0.35 -16.27 18.87
CA ALA B 324 -0.79 -15.90 20.21
C ALA B 324 -1.82 -14.77 20.24
N GLY B 325 -1.84 -13.90 19.24
CA GLY B 325 -2.82 -12.83 19.30
C GLY B 325 -3.75 -12.69 18.10
N LEU B 326 -4.28 -13.79 17.57
CA LEU B 326 -5.00 -13.76 16.31
C LEU B 326 -6.22 -14.68 16.35
N LYS B 327 -7.23 -14.30 15.58
CA LYS B 327 -8.42 -15.10 15.30
C LYS B 327 -8.49 -15.34 13.79
N LYS B 328 -9.23 -16.38 13.39
CA LYS B 328 -9.39 -16.65 11.97
C LYS B 328 -10.30 -15.62 11.31
N VAL B 329 -11.39 -15.25 11.99
CA VAL B 329 -12.34 -14.25 11.52
C VAL B 329 -12.15 -12.96 12.31
N THR B 330 -11.27 -12.09 11.83
CA THR B 330 -10.99 -10.83 12.49
C THR B 330 -11.96 -9.76 12.01
N GLN B 331 -12.45 -8.95 12.95
CA GLN B 331 -13.43 -7.90 12.65
C GLN B 331 -12.87 -6.55 13.09
N THR B 332 -12.76 -5.63 12.14
CA THR B 332 -12.38 -4.23 12.40
C THR B 332 -13.46 -3.25 11.93
C1 16G C . 2.61 1.40 -5.84
C2 16G C . 2.89 1.64 -4.34
C3 16G C . 4.37 1.77 -3.98
C4 16G C . 5.20 0.74 -4.71
C5 16G C . 4.98 0.90 -6.20
C6 16G C . 5.84 -0.09 -6.95
C7 16G C . 1.11 2.85 -3.11
C8 16G C . 0.26 1.59 -3.06
N2 16G C . 2.22 2.83 -3.83
O1 16G C . 2.40 2.62 -6.54
O3 16G C . 4.47 1.57 -2.57
O4 16G C . 6.59 0.87 -4.38
O5 16G C . 3.62 0.62 -6.53
O6 16G C . 6.08 0.40 -8.26
O7 16G C . 0.77 3.88 -2.52
P 16G C . 6.67 -0.57 -9.42
O1P 16G C . 5.53 -1.52 -9.70
O2P 16G C . 7.05 0.35 -10.56
O3P 16G C . 7.88 -1.19 -8.77
C1 AGP D . 12.30 11.37 0.85
O1 AGP D . 12.83 12.02 2.02
C2 AGP D . 13.41 10.68 0.07
N2 AGP D . 14.51 11.58 -0.26
C3 AGP D . 12.90 10.04 -1.23
O3 AGP D . 12.02 8.97 -0.90
C4 AGP D . 12.22 11.01 -2.21
O4 AGP D . 10.88 11.34 -1.79
C5 AGP D . 12.14 10.41 -3.60
O5 AGP D . 13.16 9.45 -3.82
C6 AGP D . 12.37 11.48 -4.63
O6 AGP D . 11.10 11.87 -5.09
P AGP D . 10.98 13.22 -5.92
O1P AGP D . 10.75 12.76 -7.35
O2P AGP D . 12.31 13.90 -5.69
O3P AGP D . 9.78 13.86 -5.26
C1 16G E . -5.53 0.53 1.41
C2 16G E . -4.20 -0.23 1.54
C3 16G E . -4.08 -1.08 2.82
C4 16G E . -4.49 -0.24 4.01
C5 16G E . -5.94 0.16 3.83
C6 16G E . -6.39 0.98 5.04
C7 16G E . -2.97 -0.84 -0.48
C8 16G E . -2.67 -1.96 -1.45
N2 16G E . -3.94 -1.10 0.41
O1 16G E . -6.47 -0.21 0.63
O3 16G E . -2.72 -1.49 2.99
O4 16G E . -4.33 -1.03 5.18
O5 16G E . -6.13 0.98 2.67
O6 16G E . -7.82 1.04 5.06
O7 16G E . -2.37 0.23 -0.52
P 16G E . -8.55 2.02 6.12
O1P 16G E . -9.91 1.43 6.31
O2P 16G E . -8.48 3.38 5.46
O3P 16G E . -7.66 1.96 7.33
C1 AGP F . -4.29 -14.04 6.85
O1 AGP F . -3.43 -15.16 7.14
C2 AGP F . -4.89 -13.50 8.15
N2 AGP F . -5.73 -14.52 8.75
C3 AGP F . -5.67 -12.18 8.02
O3 AGP F . -4.79 -11.12 7.65
C4 AGP F . -6.87 -12.21 7.07
O4 AGP F . -6.40 -12.22 5.72
C5 AGP F . -7.72 -10.96 7.26
O5 AGP F . -8.35 -11.00 8.53
C6 AGP F . -8.80 -10.88 6.19
O6 AGP F . -9.60 -12.04 6.26
P AGP F . -10.81 -12.34 5.24
O1P AGP F . -10.07 -12.80 3.99
O2P AGP F . -11.65 -13.39 5.93
O3P AGP F . -11.55 -11.04 5.01
#